data_4JCT
#
_entry.id   4JCT
#
_cell.length_a   120.110
_cell.length_b   148.460
_cell.length_c   103.470
_cell.angle_alpha   90.00
_cell.angle_beta   119.31
_cell.angle_gamma   90.00
#
_symmetry.space_group_name_H-M   'C 1 2 1'
#
loop_
_entity.id
_entity.type
_entity.pdbx_description
1 polymer 'ATP-dependent Clp protease proteolytic subunit'
2 water water
#
_entity_poly.entity_id   1
_entity_poly.type   'polypeptide(L)'
_entity_poly.pdbx_seq_one_letter_code
;MNLIPTVIEQTSRGERAYDIYSRLLKDRIIMLGSAIDDNVANSIVSQLLFLDAQDPEKDIFLYINSPGGSISAGMAIYDT
MNFVKADVQTIGMGMAASMGSFLLTAGANGKRFALPNAEIMIHQPLGGAQGQATEIEIAARHILKIKERMNTIMAEKTGQ
PYEVIARDTDRDNFMTAQEAKDYGLIDDIIINKSGLKGMASWSHPQFEK
;
_entity_poly.pdbx_strand_id   A,B,C,D,E,F,G
#
# COMPACT_ATOMS: atom_id res chain seq x y z
N LEU A 3 -9.83 4.97 8.24
CA LEU A 3 -10.52 3.65 8.34
C LEU A 3 -11.90 3.64 7.65
N ILE A 4 -12.07 2.74 6.69
CA ILE A 4 -13.36 2.53 6.04
C ILE A 4 -13.91 1.16 6.50
N PRO A 5 -14.85 1.17 7.47
CA PRO A 5 -15.39 -0.09 8.00
C PRO A 5 -16.02 -1.00 6.95
N THR A 6 -16.02 -2.30 7.23
CA THR A 6 -16.33 -3.33 6.23
C THR A 6 -17.50 -4.25 6.64
N VAL A 7 -18.72 -3.77 6.41
CA VAL A 7 -19.96 -4.51 6.67
C VAL A 7 -20.02 -5.87 5.94
N ILE A 8 -20.41 -6.92 6.68
CA ILE A 8 -20.71 -8.24 6.10
C ILE A 8 -22.21 -8.48 6.09
N GLU A 9 -22.77 -8.73 4.90
CA GLU A 9 -24.20 -8.98 4.74
C GLU A 9 -24.59 -10.38 5.21
N ALA A 17 -19.59 -9.23 2.38
CA ALA A 17 -18.35 -8.53 2.74
C ALA A 17 -18.13 -7.24 1.93
N TYR A 18 -18.84 -6.17 2.30
CA TYR A 18 -18.74 -4.86 1.63
C TYR A 18 -17.88 -3.87 2.42
N ASP A 19 -17.41 -2.83 1.75
CA ASP A 19 -16.93 -1.62 2.45
C ASP A 19 -18.15 -0.73 2.66
N ILE A 20 -18.07 0.23 3.58
CA ILE A 20 -19.26 0.98 3.99
C ILE A 20 -20.01 1.65 2.83
N TYR A 21 -19.28 2.25 1.89
CA TYR A 21 -19.89 2.88 0.72
C TYR A 21 -20.53 1.88 -0.25
N SER A 22 -19.96 0.69 -0.36
CA SER A 22 -20.57 -0.37 -1.18
C SER A 22 -21.88 -0.87 -0.57
N ARG A 23 -21.93 -0.88 0.76
CA ARG A 23 -23.14 -1.26 1.45
C ARG A 23 -24.23 -0.22 1.18
N LEU A 24 -23.86 1.05 1.23
CA LEU A 24 -24.77 2.14 0.88
C LEU A 24 -25.18 2.09 -0.58
N LEU A 25 -24.24 1.72 -1.44
CA LEU A 25 -24.49 1.61 -2.87
C LEU A 25 -25.60 0.58 -3.15
N LYS A 26 -25.65 -0.45 -2.31
CA LYS A 26 -26.69 -1.49 -2.40
C LYS A 26 -28.11 -0.95 -2.14
N ASP A 27 -28.18 0.16 -1.39
CA ASP A 27 -29.45 0.86 -1.15
C ASP A 27 -29.60 2.09 -2.04
N ARG A 28 -28.89 2.06 -3.17
CA ARG A 28 -28.95 3.08 -4.24
C ARG A 28 -28.42 4.47 -3.85
N ILE A 29 -27.49 4.49 -2.91
CA ILE A 29 -26.91 5.74 -2.39
C ILE A 29 -25.48 5.95 -2.87
N ILE A 30 -25.22 7.11 -3.44
CA ILE A 30 -23.88 7.50 -3.91
C ILE A 30 -23.37 8.68 -3.08
N MET A 31 -22.17 8.53 -2.52
CA MET A 31 -21.59 9.58 -1.70
C MET A 31 -20.51 10.35 -2.46
N LEU A 32 -20.84 11.54 -2.92
CA LEU A 32 -19.86 12.45 -3.51
C LEU A 32 -19.37 13.42 -2.44
N GLY A 33 -18.32 13.02 -1.73
CA GLY A 33 -17.84 13.78 -0.59
C GLY A 33 -16.41 14.23 -0.67
N SER A 34 -16.00 14.71 -1.85
CA SER A 34 -14.64 15.22 -2.06
C SER A 34 -14.54 16.12 -3.29
N ALA A 35 -13.37 16.73 -3.46
CA ALA A 35 -13.07 17.55 -4.63
C ALA A 35 -13.26 16.73 -5.91
N ILE A 36 -14.01 17.30 -6.85
CA ILE A 36 -14.33 16.64 -8.10
C ILE A 36 -13.18 16.79 -9.11
N ASP A 37 -12.36 15.75 -9.19
CA ASP A 37 -11.39 15.60 -10.28
C ASP A 37 -11.84 14.43 -11.17
N ASP A 38 -11.02 14.07 -12.14
CA ASP A 38 -11.41 13.08 -13.14
C ASP A 38 -11.54 11.64 -12.63
N ASN A 39 -10.82 11.31 -11.57
CA ASN A 39 -10.93 9.99 -10.93
C ASN A 39 -12.27 9.82 -10.24
N VAL A 40 -12.66 10.84 -9.47
CA VAL A 40 -13.96 10.93 -8.80
C VAL A 40 -15.10 10.96 -9.81
N ALA A 41 -14.94 11.79 -10.84
CA ALA A 41 -15.90 11.81 -11.93
C ALA A 41 -16.19 10.40 -12.44
N ASN A 42 -15.14 9.70 -12.84
CA ASN A 42 -15.22 8.36 -13.38
C ASN A 42 -15.87 7.34 -12.45
N SER A 43 -15.65 7.52 -11.16
CA SER A 43 -16.21 6.66 -10.15
C SER A 43 -17.73 6.91 -9.96
N ILE A 44 -18.12 8.19 -9.92
CA ILE A 44 -19.52 8.56 -9.77
C ILE A 44 -20.32 8.12 -11.00
N VAL A 45 -19.81 8.46 -12.17
CA VAL A 45 -20.38 8.02 -13.44
C VAL A 45 -20.58 6.50 -13.49
N SER A 46 -19.58 5.76 -13.02
CA SER A 46 -19.61 4.30 -13.03
C SER A 46 -20.64 3.77 -12.06
N GLN A 47 -20.87 4.54 -10.99
CA GLN A 47 -21.85 4.20 -9.99
C GLN A 47 -23.28 4.45 -10.49
N LEU A 48 -23.47 5.56 -11.23
CA LEU A 48 -24.77 5.90 -11.81
C LEU A 48 -25.15 4.91 -12.92
N LEU A 49 -24.19 4.61 -13.78
CA LEU A 49 -24.33 3.61 -14.82
C LEU A 49 -24.71 2.23 -14.26
N PHE A 50 -24.05 1.81 -13.19
CA PHE A 50 -24.36 0.54 -12.54
C PHE A 50 -25.77 0.54 -11.99
N LEU A 51 -26.12 1.58 -11.23
CA LEU A 51 -27.41 1.66 -10.56
C LEU A 51 -28.59 1.68 -11.52
N ASP A 52 -28.44 2.37 -12.65
CA ASP A 52 -29.46 2.44 -13.66
C ASP A 52 -29.66 1.09 -14.35
N ALA A 53 -28.57 0.35 -14.52
CA ALA A 53 -28.59 -0.96 -15.17
C ALA A 53 -29.14 -2.06 -14.26
N GLN A 54 -29.05 -1.87 -12.94
CA GLN A 54 -29.64 -2.79 -11.99
C GLN A 54 -31.16 -2.62 -11.96
N ASP A 55 -31.60 -1.37 -11.79
CA ASP A 55 -33.01 -1.04 -11.80
C ASP A 55 -33.23 0.38 -12.33
N PRO A 56 -33.81 0.50 -13.53
CA PRO A 56 -34.04 1.81 -14.13
C PRO A 56 -35.23 2.56 -13.51
N GLU A 57 -35.99 1.87 -12.68
CA GLU A 57 -37.25 2.41 -12.17
C GLU A 57 -37.16 3.00 -10.77
N LYS A 58 -36.22 2.49 -9.97
CA LYS A 58 -36.00 2.99 -8.62
C LYS A 58 -35.04 4.19 -8.59
N ASP A 59 -35.34 5.14 -7.71
CA ASP A 59 -34.57 6.39 -7.60
C ASP A 59 -33.12 6.20 -7.11
N ILE A 60 -32.28 7.18 -7.42
CA ILE A 60 -30.88 7.17 -6.97
C ILE A 60 -30.66 8.36 -6.02
N PHE A 61 -29.96 8.12 -4.92
CA PHE A 61 -29.72 9.15 -3.91
C PHE A 61 -28.26 9.58 -3.90
N LEU A 62 -27.98 10.78 -4.41
CA LEU A 62 -26.62 11.28 -4.51
C LEU A 62 -26.35 12.36 -3.46
N TYR A 63 -25.51 12.02 -2.49
CA TYR A 63 -25.19 12.93 -1.40
C TYR A 63 -23.99 13.80 -1.78
N ILE A 64 -24.14 15.10 -1.61
CA ILE A 64 -23.11 16.04 -2.04
C ILE A 64 -22.53 16.79 -0.84
N ASN A 65 -21.24 16.57 -0.62
CA ASN A 65 -20.41 17.37 0.29
C ASN A 65 -19.08 17.61 -0.41
N SER A 66 -19.02 18.65 -1.25
CA SER A 66 -17.88 18.87 -2.13
C SER A 66 -17.54 20.35 -2.35
N PRO A 67 -16.25 20.70 -2.20
CA PRO A 67 -15.79 22.07 -2.51
C PRO A 67 -15.82 22.36 -4.01
N GLY A 68 -16.07 21.33 -4.82
CA GLY A 68 -16.17 21.48 -6.28
C GLY A 68 -14.98 20.88 -7.00
N GLY A 69 -14.52 21.54 -8.05
CA GLY A 69 -13.31 21.11 -8.77
C GLY A 69 -13.36 21.32 -10.27
N SER A 70 -12.87 20.31 -11.00
CA SER A 70 -12.77 20.36 -12.46
C SER A 70 -14.14 20.52 -13.12
N ILE A 71 -14.23 21.48 -14.04
CA ILE A 71 -15.49 21.78 -14.74
C ILE A 71 -15.92 20.65 -15.69
N SER A 72 -14.98 20.12 -16.47
CA SER A 72 -15.32 19.08 -17.44
C SER A 72 -15.58 17.74 -16.75
N ALA A 73 -14.99 17.56 -15.56
CA ALA A 73 -15.26 16.39 -14.73
C ALA A 73 -16.69 16.41 -14.19
N GLY A 74 -17.08 17.53 -13.59
CA GLY A 74 -18.42 17.67 -13.04
C GLY A 74 -19.48 17.56 -14.13
N MET A 75 -19.16 18.09 -15.30
CA MET A 75 -20.06 18.10 -16.44
C MET A 75 -20.29 16.68 -17.00
N ALA A 76 -19.32 15.81 -16.74
CA ALA A 76 -19.45 14.41 -17.08
C ALA A 76 -20.47 13.78 -16.15
N ILE A 77 -20.40 14.15 -14.87
CA ILE A 77 -21.36 13.70 -13.88
C ILE A 77 -22.73 14.26 -14.21
N TYR A 78 -22.76 15.54 -14.57
CA TYR A 78 -24.01 16.20 -14.95
C TYR A 78 -24.74 15.47 -16.07
N ASP A 79 -24.03 15.18 -17.16
CA ASP A 79 -24.61 14.54 -18.34
C ASP A 79 -25.11 13.12 -18.08
N THR A 80 -24.38 12.39 -17.23
CA THR A 80 -24.72 11.03 -16.88
C THR A 80 -25.96 10.99 -15.98
N MET A 81 -26.10 11.99 -15.12
CA MET A 81 -27.28 12.17 -14.29
C MET A 81 -28.53 12.32 -15.15
N ASN A 82 -28.38 13.05 -16.26
CA ASN A 82 -29.45 13.20 -17.24
C ASN A 82 -29.60 12.00 -18.14
N PHE A 83 -28.49 11.33 -18.43
CA PHE A 83 -28.49 10.14 -19.28
C PHE A 83 -29.26 8.96 -18.69
N VAL A 84 -29.07 8.72 -17.39
CA VAL A 84 -29.74 7.60 -16.73
C VAL A 84 -31.26 7.79 -16.69
N LYS A 85 -31.98 6.68 -16.76
CA LYS A 85 -33.45 6.68 -16.75
C LYS A 85 -33.97 7.08 -15.36
N ALA A 86 -33.38 6.48 -14.34
CA ALA A 86 -33.75 6.72 -12.95
C ALA A 86 -33.57 8.18 -12.50
N ASP A 87 -34.55 8.67 -11.74
CA ASP A 87 -34.50 9.98 -11.12
C ASP A 87 -33.36 10.06 -10.10
N VAL A 88 -32.51 11.06 -10.27
CA VAL A 88 -31.41 11.31 -9.34
C VAL A 88 -31.80 12.40 -8.34
N GLN A 89 -31.99 12.01 -7.09
CA GLN A 89 -32.21 12.96 -6.01
C GLN A 89 -30.85 13.44 -5.53
N THR A 90 -30.79 14.72 -5.14
CA THR A 90 -29.56 15.29 -4.63
C THR A 90 -29.78 15.81 -3.21
N ILE A 91 -28.90 15.40 -2.31
CA ILE A 91 -28.95 15.86 -0.92
C ILE A 91 -27.63 16.55 -0.58
N GLY A 92 -27.70 17.86 -0.36
CA GLY A 92 -26.53 18.65 0.00
C GLY A 92 -26.31 18.68 1.49
N MET A 93 -25.10 18.28 1.91
CA MET A 93 -24.70 18.35 3.31
C MET A 93 -23.32 19.00 3.45
N GLY A 94 -23.09 19.70 4.56
CA GLY A 94 -21.81 20.33 4.83
C GLY A 94 -21.52 21.49 3.90
N MET A 95 -20.97 21.18 2.73
CA MET A 95 -20.56 22.18 1.74
C MET A 95 -20.86 21.73 0.32
N ALA A 96 -21.69 22.49 -0.40
CA ALA A 96 -21.86 22.29 -1.83
C ALA A 96 -21.42 23.58 -2.56
N ALA A 97 -20.18 23.59 -3.04
CA ALA A 97 -19.61 24.80 -3.63
C ALA A 97 -19.19 24.58 -5.07
N SER A 98 -19.43 25.60 -5.91
CA SER A 98 -19.08 25.55 -7.33
C SER A 98 -19.73 24.37 -8.02
N MET A 99 -18.91 23.43 -8.48
CA MET A 99 -19.41 22.28 -9.18
C MET A 99 -20.24 21.36 -8.27
N GLY A 100 -20.03 21.50 -6.96
CA GLY A 100 -20.85 20.81 -5.98
C GLY A 100 -22.28 21.37 -5.98
N SER A 101 -22.37 22.70 -5.95
CA SER A 101 -23.66 23.36 -5.95
C SER A 101 -24.36 23.19 -7.29
N PHE A 102 -23.57 23.13 -8.37
CA PHE A 102 -24.10 22.95 -9.71
C PHE A 102 -24.72 21.57 -9.89
N LEU A 103 -24.08 20.57 -9.31
CA LEU A 103 -24.63 19.22 -9.36
C LEU A 103 -25.88 19.09 -8.49
N LEU A 104 -25.89 19.80 -7.36
CA LEU A 104 -27.03 19.81 -6.46
C LEU A 104 -28.30 20.33 -7.14
N THR A 105 -28.15 21.40 -7.91
CA THR A 105 -29.27 22.01 -8.62
C THR A 105 -29.66 21.16 -9.83
N ALA A 106 -28.69 20.38 -10.31
CA ALA A 106 -28.89 19.52 -11.46
C ALA A 106 -29.73 18.29 -11.12
N GLY A 107 -30.12 18.18 -9.85
CA GLY A 107 -30.93 17.05 -9.38
C GLY A 107 -32.30 17.06 -10.00
N ALA A 108 -33.02 15.96 -9.82
CA ALA A 108 -34.38 15.80 -10.37
C ALA A 108 -35.38 16.79 -9.77
N ASN A 109 -36.27 17.31 -10.60
CA ASN A 109 -37.30 18.24 -10.17
C ASN A 109 -38.14 17.73 -9.00
N GLY A 110 -38.33 18.60 -8.01
CA GLY A 110 -39.03 18.25 -6.78
C GLY A 110 -38.20 17.41 -5.82
N LYS A 111 -37.02 16.97 -6.26
CA LYS A 111 -36.19 16.04 -5.49
C LYS A 111 -34.78 16.52 -5.15
N ARG A 112 -34.63 17.83 -4.94
CA ARG A 112 -33.35 18.40 -4.53
C ARG A 112 -33.40 18.96 -3.12
N PHE A 113 -32.57 18.40 -2.24
CA PHE A 113 -32.63 18.75 -0.83
C PHE A 113 -31.30 19.23 -0.27
N ALA A 114 -31.37 19.84 0.91
CA ALA A 114 -30.20 20.25 1.68
C ALA A 114 -30.52 20.10 3.17
N LEU A 115 -29.54 19.61 3.93
CA LEU A 115 -29.67 19.53 5.37
C LEU A 115 -29.53 20.94 5.98
N PRO A 116 -30.30 21.24 7.04
CA PRO A 116 -30.49 22.58 7.59
C PRO A 116 -29.25 23.49 7.67
N ASN A 117 -28.07 22.92 7.90
CA ASN A 117 -26.87 23.73 8.11
C ASN A 117 -25.81 23.61 7.00
N ALA A 118 -26.26 23.31 5.78
CA ALA A 118 -25.36 23.17 4.64
C ALA A 118 -24.97 24.54 4.10
N GLU A 119 -23.67 24.71 3.82
CA GLU A 119 -23.19 25.93 3.17
C GLU A 119 -23.25 25.73 1.66
N ILE A 120 -23.96 26.63 0.97
CA ILE A 120 -24.01 26.62 -0.50
C ILE A 120 -23.29 27.84 -1.07
N MET A 121 -22.37 27.58 -2.00
CA MET A 121 -21.69 28.65 -2.74
C MET A 121 -21.95 28.46 -4.22
N ILE A 122 -22.64 29.44 -4.82
CA ILE A 122 -22.95 29.43 -6.24
C ILE A 122 -21.69 29.67 -7.10
N HIS A 123 -20.77 30.45 -6.55
CA HIS A 123 -19.54 30.89 -7.23
C HIS A 123 -18.82 29.81 -8.02
N GLN A 124 -18.79 29.98 -9.34
CA GLN A 124 -18.01 29.11 -10.21
C GLN A 124 -16.77 29.85 -10.74
N PRO A 125 -15.60 29.61 -10.13
CA PRO A 125 -14.38 30.30 -10.53
C PRO A 125 -13.67 29.62 -11.72
N LEU A 126 -12.50 30.15 -12.09
CA LEU A 126 -11.72 29.72 -13.26
C LEU A 126 -11.75 28.20 -13.53
N GLY A 127 -11.04 27.44 -12.70
CA GLY A 127 -11.07 25.98 -12.73
C GLY A 127 -10.43 25.29 -13.93
N GLY A 128 -9.56 26.00 -14.64
CA GLY A 128 -8.83 25.45 -15.81
C GLY A 128 -9.70 24.83 -16.90
N ALA A 129 -10.72 25.58 -17.34
CA ALA A 129 -11.69 25.09 -18.32
C ALA A 129 -11.16 25.06 -19.76
N GLN A 130 -9.94 25.58 -19.94
CA GLN A 130 -9.32 25.63 -21.26
C GLN A 130 -8.31 24.51 -21.52
N GLY A 131 -8.41 23.43 -20.74
CA GLY A 131 -7.54 22.26 -20.86
C GLY A 131 -6.07 22.64 -20.98
N GLN A 132 -5.46 22.28 -22.10
CA GLN A 132 -4.10 22.71 -22.41
C GLN A 132 -4.02 23.46 -23.74
N ALA A 133 -4.84 24.51 -23.85
CA ALA A 133 -4.80 25.40 -24.99
C ALA A 133 -3.80 26.54 -24.74
N THR A 134 -2.72 26.55 -25.51
CA THR A 134 -1.66 27.56 -25.36
C THR A 134 -2.08 28.88 -26.01
N GLU A 135 -2.93 28.79 -27.04
CA GLU A 135 -3.44 29.96 -27.76
C GLU A 135 -4.37 30.80 -26.88
N ILE A 136 -4.17 32.12 -26.88
CA ILE A 136 -4.93 33.04 -26.04
C ILE A 136 -6.38 33.20 -26.47
N GLU A 137 -6.60 33.45 -27.77
CA GLU A 137 -7.94 33.72 -28.28
C GLU A 137 -8.87 32.50 -28.32
N ILE A 138 -8.30 31.30 -28.24
CA ILE A 138 -9.10 30.07 -28.15
C ILE A 138 -9.48 29.80 -26.68
N ALA A 139 -8.50 29.88 -25.78
CA ALA A 139 -8.67 29.61 -24.35
C ALA A 139 -9.64 30.57 -23.65
N ALA A 140 -9.53 31.85 -23.99
CA ALA A 140 -10.35 32.87 -23.36
C ALA A 140 -11.79 32.81 -23.88
N ARG A 141 -11.95 32.73 -25.20
CA ARG A 141 -13.29 32.63 -25.81
C ARG A 141 -14.05 31.37 -25.38
N HIS A 142 -13.31 30.31 -25.07
CA HIS A 142 -13.90 29.04 -24.69
C HIS A 142 -14.48 29.08 -23.32
N ILE A 143 -13.74 29.63 -22.36
CA ILE A 143 -14.20 29.70 -20.97
C ILE A 143 -15.41 30.62 -20.83
N LEU A 144 -15.48 31.63 -21.70
CA LEU A 144 -16.66 32.50 -21.81
C LEU A 144 -17.85 31.70 -22.33
N LYS A 145 -17.59 30.86 -23.33
CA LYS A 145 -18.61 30.04 -23.95
C LYS A 145 -19.17 29.03 -22.94
N ILE A 146 -18.29 28.34 -22.23
CA ILE A 146 -18.72 27.34 -21.25
C ILE A 146 -19.36 27.97 -20.02
N LYS A 147 -18.84 29.12 -19.58
CA LYS A 147 -19.47 29.90 -18.52
C LYS A 147 -20.89 30.28 -18.93
N GLU A 148 -21.05 30.71 -20.18
CA GLU A 148 -22.37 31.03 -20.70
C GLU A 148 -23.33 29.83 -20.62
N ARG A 149 -22.89 28.67 -21.08
CA ARG A 149 -23.78 27.51 -21.08
C ARG A 149 -24.04 26.91 -19.70
N MET A 150 -23.18 27.19 -18.74
CA MET A 150 -23.43 26.81 -17.35
C MET A 150 -24.51 27.70 -16.74
N ASN A 151 -24.34 29.01 -16.93
CA ASN A 151 -25.33 30.00 -16.50
C ASN A 151 -26.72 29.69 -17.07
N THR A 152 -26.76 29.27 -18.34
CA THR A 152 -28.00 28.93 -19.04
C THR A 152 -28.69 27.72 -18.40
N ILE A 153 -27.91 26.71 -18.04
CA ILE A 153 -28.43 25.51 -17.40
C ILE A 153 -28.92 25.83 -16.00
N MET A 154 -28.21 26.69 -15.29
CA MET A 154 -28.61 27.10 -13.95
C MET A 154 -29.90 27.91 -13.98
N ALA A 155 -29.99 28.84 -14.92
CA ALA A 155 -31.17 29.67 -15.09
C ALA A 155 -32.44 28.84 -15.27
N GLU A 156 -32.35 27.75 -16.03
CA GLU A 156 -33.50 26.90 -16.27
C GLU A 156 -33.88 26.07 -15.04
N LYS A 157 -32.88 25.57 -14.30
CA LYS A 157 -33.10 24.72 -13.12
C LYS A 157 -33.60 25.50 -11.90
N THR A 158 -33.25 26.78 -11.85
CA THR A 158 -33.59 27.65 -10.72
C THR A 158 -34.83 28.48 -11.01
N GLY A 159 -35.15 28.64 -12.29
CA GLY A 159 -36.21 29.53 -12.69
C GLY A 159 -35.83 31.01 -12.58
N GLN A 160 -34.58 31.27 -12.24
CA GLN A 160 -34.07 32.64 -12.16
C GLN A 160 -33.80 33.17 -13.56
N PRO A 161 -33.90 34.50 -13.74
CA PRO A 161 -33.49 35.09 -15.03
C PRO A 161 -32.00 34.91 -15.27
N TYR A 162 -31.63 34.64 -16.52
CA TYR A 162 -30.23 34.42 -16.88
C TYR A 162 -29.30 35.50 -16.34
N GLU A 163 -29.74 36.76 -16.42
CA GLU A 163 -28.91 37.88 -16.01
C GLU A 163 -28.60 37.86 -14.51
N VAL A 164 -29.55 37.40 -13.69
CA VAL A 164 -29.35 37.27 -12.24
C VAL A 164 -28.37 36.13 -11.93
N ILE A 165 -28.55 35.00 -12.61
CA ILE A 165 -27.64 33.86 -12.50
C ILE A 165 -26.22 34.24 -12.90
N ALA A 166 -26.10 34.89 -14.06
CA ALA A 166 -24.80 35.36 -14.56
C ALA A 166 -24.09 36.32 -13.59
N ARG A 167 -24.87 37.08 -12.84
CA ARG A 167 -24.32 38.01 -11.85
C ARG A 167 -23.94 37.30 -10.56
N ASP A 168 -24.75 36.35 -10.12
CA ASP A 168 -24.53 35.64 -8.87
C ASP A 168 -23.46 34.54 -8.94
N THR A 169 -23.26 33.96 -10.13
CA THR A 169 -22.22 32.94 -10.33
C THR A 169 -20.82 33.52 -10.40
N ASP A 170 -20.72 34.84 -10.55
CA ASP A 170 -19.42 35.48 -10.70
C ASP A 170 -18.98 36.24 -9.45
N ARG A 171 -19.58 35.91 -8.31
CA ARG A 171 -19.25 36.56 -7.03
C ARG A 171 -19.33 35.59 -5.84
N ASP A 172 -18.48 35.83 -4.85
CA ASP A 172 -18.46 35.06 -3.61
C ASP A 172 -19.66 35.41 -2.75
N ASN A 173 -20.60 34.48 -2.65
CA ASN A 173 -21.70 34.62 -1.70
C ASN A 173 -22.12 33.27 -1.12
N PHE A 174 -22.23 33.22 0.20
CA PHE A 174 -22.71 32.04 0.89
C PHE A 174 -24.21 32.10 1.02
N MET A 175 -24.87 30.97 0.81
CA MET A 175 -26.30 30.86 1.05
C MET A 175 -26.55 29.83 2.13
N THR A 176 -27.55 30.09 2.96
CA THR A 176 -28.08 29.08 3.86
C THR A 176 -28.99 28.17 3.06
N ALA A 177 -29.41 27.07 3.69
CA ALA A 177 -30.41 26.18 3.10
C ALA A 177 -31.70 26.93 2.75
N GLN A 178 -32.12 27.85 3.63
CA GLN A 178 -33.35 28.61 3.42
C GLN A 178 -33.26 29.55 2.22
N GLU A 179 -32.17 30.30 2.15
CA GLU A 179 -31.94 31.21 1.02
C GLU A 179 -31.91 30.43 -0.29
N ALA A 180 -31.21 29.29 -0.27
CA ALA A 180 -31.10 28.43 -1.45
C ALA A 180 -32.46 27.90 -1.93
N LYS A 181 -33.39 27.73 -1.00
CA LYS A 181 -34.75 27.26 -1.34
C LYS A 181 -35.54 28.36 -2.05
N ASP A 182 -35.45 29.58 -1.50
CA ASP A 182 -36.11 30.76 -2.06
C ASP A 182 -35.57 31.10 -3.45
N TYR A 183 -34.28 30.86 -3.63
CA TYR A 183 -33.57 31.15 -4.88
C TYR A 183 -33.96 30.18 -5.99
N GLY A 184 -34.27 28.94 -5.61
CA GLY A 184 -34.67 27.91 -6.56
C GLY A 184 -33.60 26.84 -6.76
N LEU A 185 -32.54 26.92 -5.95
CA LEU A 185 -31.44 25.95 -6.04
C LEU A 185 -31.89 24.57 -5.58
N ILE A 186 -32.55 24.53 -4.43
CA ILE A 186 -33.12 23.29 -3.92
C ILE A 186 -34.63 23.45 -3.71
N ASP A 187 -35.32 22.31 -3.61
CA ASP A 187 -36.76 22.28 -3.48
C ASP A 187 -37.22 22.32 -2.03
N ASP A 188 -36.46 21.68 -1.15
CA ASP A 188 -36.80 21.65 0.26
C ASP A 188 -35.60 21.42 1.18
N ILE A 189 -35.74 21.85 2.43
CA ILE A 189 -34.79 21.57 3.48
C ILE A 189 -35.34 20.40 4.29
N ILE A 190 -34.60 19.30 4.31
CA ILE A 190 -34.98 18.17 5.15
C ILE A 190 -34.24 18.18 6.49
N ILE A 191 -35.00 18.09 7.57
CA ILE A 191 -34.44 18.00 8.91
C ILE A 191 -34.38 16.55 9.40
N ASN A 192 -35.41 15.75 9.08
CA ASN A 192 -35.59 14.43 9.72
C ASN A 192 -35.94 13.22 8.83
N LYS A 193 -36.26 12.11 9.49
CA LYS A 193 -36.73 10.84 8.88
C LYS A 193 -35.66 10.07 8.12
N LEU B 3 -11.32 6.19 -3.55
CA LEU B 3 -11.97 4.92 -3.13
C LEU B 3 -12.82 4.31 -4.24
N ILE B 4 -12.68 3.00 -4.46
CA ILE B 4 -13.42 2.32 -5.52
C ILE B 4 -14.36 1.26 -4.91
N PRO B 5 -15.69 1.51 -4.99
CA PRO B 5 -16.71 0.64 -4.39
C PRO B 5 -16.74 -0.78 -4.95
N THR B 6 -17.06 -1.74 -4.08
CA THR B 6 -16.90 -3.17 -4.39
C THR B 6 -18.22 -3.97 -4.43
N VAL B 7 -18.86 -3.97 -5.60
CA VAL B 7 -20.11 -4.70 -5.84
C VAL B 7 -19.94 -6.22 -5.68
N ILE B 8 -20.84 -6.85 -4.92
CA ILE B 8 -20.88 -8.31 -4.81
C ILE B 8 -22.12 -8.86 -5.50
N GLU B 9 -21.89 -9.77 -6.45
CA GLU B 9 -22.97 -10.39 -7.23
C GLU B 9 -23.64 -11.50 -6.43
N ALA B 17 -17.39 -10.80 -5.84
CA ALA B 17 -16.73 -9.61 -5.29
C ALA B 17 -15.91 -8.83 -6.34
N TYR B 18 -16.58 -8.00 -7.13
CA TYR B 18 -15.92 -7.11 -8.10
C TYR B 18 -15.72 -5.72 -7.51
N ASP B 19 -14.77 -4.96 -8.06
CA ASP B 19 -14.81 -3.50 -7.91
C ASP B 19 -15.77 -2.94 -8.97
N ILE B 20 -16.11 -1.65 -8.87
CA ILE B 20 -17.15 -1.07 -9.76
C ILE B 20 -16.86 -1.20 -11.26
N TYR B 21 -15.61 -1.00 -11.67
CA TYR B 21 -15.24 -1.11 -13.08
C TYR B 21 -15.38 -2.55 -13.58
N SER B 22 -14.84 -3.49 -12.80
CA SER B 22 -14.95 -4.92 -13.10
C SER B 22 -16.40 -5.35 -13.31
N ARG B 23 -17.32 -4.73 -12.57
CA ARG B 23 -18.74 -5.05 -12.67
C ARG B 23 -19.33 -4.49 -13.95
N LEU B 24 -18.91 -3.28 -14.32
CA LEU B 24 -19.31 -2.67 -15.58
C LEU B 24 -18.69 -3.42 -16.73
N LEU B 25 -17.50 -3.97 -16.49
CA LEU B 25 -16.78 -4.76 -17.49
C LEU B 25 -17.56 -6.03 -17.84
N LYS B 26 -18.36 -6.52 -16.89
CA LYS B 26 -19.19 -7.69 -17.13
C LYS B 26 -20.33 -7.38 -18.10
N ASP B 27 -20.78 -6.12 -18.13
CA ASP B 27 -21.74 -5.65 -19.14
C ASP B 27 -21.05 -5.01 -20.34
N ARG B 28 -19.77 -5.38 -20.53
CA ARG B 28 -18.95 -5.03 -21.69
C ARG B 28 -18.59 -3.54 -21.82
N ILE B 29 -18.50 -2.86 -20.68
CA ILE B 29 -18.17 -1.44 -20.61
C ILE B 29 -16.70 -1.24 -20.18
N ILE B 30 -15.93 -0.54 -21.00
CA ILE B 30 -14.53 -0.21 -20.67
C ILE B 30 -14.44 1.28 -20.36
N MET B 31 -13.83 1.61 -19.22
CA MET B 31 -13.70 3.01 -18.82
C MET B 31 -12.28 3.51 -19.05
N LEU B 32 -12.12 4.33 -20.10
CA LEU B 32 -10.88 5.02 -20.34
C LEU B 32 -11.03 6.44 -19.83
N GLY B 33 -10.61 6.67 -18.60
CA GLY B 33 -10.87 7.95 -17.91
C GLY B 33 -9.65 8.65 -17.35
N SER B 34 -8.49 8.44 -17.98
CA SER B 34 -7.26 9.09 -17.57
C SER B 34 -6.28 9.25 -18.75
N ALA B 35 -5.14 9.90 -18.51
CA ALA B 35 -4.11 10.12 -19.52
C ALA B 35 -3.58 8.80 -20.04
N ILE B 36 -3.41 8.73 -21.36
CA ILE B 36 -2.95 7.51 -22.00
C ILE B 36 -1.43 7.40 -21.91
N ASP B 37 -0.96 6.63 -20.94
CA ASP B 37 0.42 6.14 -20.96
C ASP B 37 0.38 4.62 -21.16
N ASP B 38 1.56 4.00 -21.16
CA ASP B 38 1.66 2.59 -21.51
C ASP B 38 0.99 1.61 -20.53
N ASN B 39 0.78 2.04 -19.29
CA ASN B 39 0.06 1.24 -18.31
C ASN B 39 -1.43 1.18 -18.63
N VAL B 40 -1.99 2.36 -18.89
CA VAL B 40 -3.39 2.49 -19.27
C VAL B 40 -3.64 1.72 -20.57
N ALA B 41 -2.75 1.91 -21.53
CA ALA B 41 -2.84 1.24 -22.83
C ALA B 41 -2.93 -0.26 -22.70
N ASN B 42 -2.08 -0.83 -21.84
CA ASN B 42 -2.07 -2.28 -21.64
C ASN B 42 -3.32 -2.82 -20.96
N SER B 43 -3.88 -2.03 -20.04
CA SER B 43 -5.14 -2.36 -19.39
C SER B 43 -6.32 -2.38 -20.37
N ILE B 44 -6.40 -1.36 -21.23
CA ILE B 44 -7.47 -1.26 -22.22
C ILE B 44 -7.35 -2.40 -23.24
N VAL B 45 -6.13 -2.58 -23.77
CA VAL B 45 -5.81 -3.64 -24.73
C VAL B 45 -6.15 -5.03 -24.18
N SER B 46 -5.75 -5.29 -22.95
CA SER B 46 -6.11 -6.51 -22.27
C SER B 46 -7.63 -6.64 -22.13
N GLN B 47 -8.28 -5.55 -21.74
CA GLN B 47 -9.73 -5.53 -21.59
C GLN B 47 -10.47 -5.84 -22.89
N LEU B 48 -9.96 -5.30 -24.01
CA LEU B 48 -10.54 -5.56 -25.31
C LEU B 48 -10.36 -7.01 -25.74
N LEU B 49 -9.12 -7.50 -25.57
CA LEU B 49 -8.76 -8.88 -25.86
C LEU B 49 -9.58 -9.88 -25.05
N PHE B 50 -9.86 -9.53 -23.81
CA PHE B 50 -10.67 -10.36 -22.94
C PHE B 50 -12.14 -10.43 -23.40
N LEU B 51 -12.71 -9.29 -23.78
CA LEU B 51 -14.12 -9.24 -24.15
C LEU B 51 -14.41 -9.95 -25.46
N ASP B 52 -13.55 -9.71 -26.46
CA ASP B 52 -13.68 -10.33 -27.78
C ASP B 52 -13.69 -11.85 -27.69
N ALA B 53 -12.89 -12.39 -26.77
CA ALA B 53 -12.79 -13.83 -26.52
C ALA B 53 -14.00 -14.37 -25.74
N GLN B 54 -14.60 -13.55 -24.88
CA GLN B 54 -15.83 -13.92 -24.18
C GLN B 54 -16.99 -14.11 -25.15
N ASP B 55 -17.16 -13.12 -26.04
CA ASP B 55 -18.16 -13.15 -27.09
C ASP B 55 -17.73 -12.20 -28.21
N PRO B 56 -17.42 -12.75 -29.40
CA PRO B 56 -16.99 -11.89 -30.50
C PRO B 56 -18.16 -11.16 -31.19
N GLU B 57 -19.39 -11.53 -30.84
CA GLU B 57 -20.59 -11.05 -31.53
C GLU B 57 -21.28 -9.86 -30.86
N LYS B 58 -21.13 -9.74 -29.54
CA LYS B 58 -21.72 -8.62 -28.78
C LYS B 58 -20.78 -7.41 -28.74
N ASP B 59 -21.34 -6.22 -28.94
CA ASP B 59 -20.59 -4.97 -28.99
C ASP B 59 -19.88 -4.67 -27.68
N ILE B 60 -18.81 -3.87 -27.78
CA ILE B 60 -18.09 -3.34 -26.62
C ILE B 60 -18.37 -1.83 -26.57
N PHE B 61 -18.49 -1.30 -25.34
CA PHE B 61 -18.77 0.11 -25.10
C PHE B 61 -17.58 0.76 -24.40
N LEU B 62 -16.87 1.61 -25.13
CA LEU B 62 -15.65 2.26 -24.62
C LEU B 62 -15.90 3.73 -24.34
N TYR B 63 -16.14 4.06 -23.07
CA TYR B 63 -16.34 5.43 -22.61
C TYR B 63 -15.02 6.17 -22.51
N ILE B 64 -14.93 7.33 -23.15
CA ILE B 64 -13.67 8.07 -23.20
C ILE B 64 -13.76 9.41 -22.49
N ASN B 65 -12.95 9.57 -21.46
CA ASN B 65 -12.77 10.85 -20.77
C ASN B 65 -11.28 11.05 -20.50
N SER B 66 -10.57 11.52 -21.51
CA SER B 66 -9.11 11.56 -21.45
C SER B 66 -8.53 12.83 -22.04
N PRO B 67 -7.53 13.42 -21.35
CA PRO B 67 -6.77 14.56 -21.89
C PRO B 67 -5.88 14.18 -23.07
N GLY B 68 -5.57 12.89 -23.21
CA GLY B 68 -4.68 12.42 -24.27
C GLY B 68 -3.54 11.62 -23.69
N GLY B 69 -2.40 11.65 -24.36
CA GLY B 69 -1.21 10.95 -23.88
C GLY B 69 -0.25 10.63 -25.01
N SER B 70 0.58 9.59 -24.81
CA SER B 70 1.56 9.21 -25.82
C SER B 70 0.93 8.49 -27.02
N ILE B 71 1.51 8.72 -28.19
CA ILE B 71 0.91 8.29 -29.46
C ILE B 71 1.04 6.79 -29.71
N SER B 72 2.17 6.20 -29.36
CA SER B 72 2.36 4.77 -29.53
C SER B 72 1.37 3.98 -28.66
N ALA B 73 1.14 4.48 -27.44
CA ALA B 73 0.16 3.89 -26.54
C ALA B 73 -1.24 4.00 -27.13
N GLY B 74 -1.56 5.17 -27.66
CA GLY B 74 -2.84 5.37 -28.33
C GLY B 74 -2.99 4.42 -29.49
N MET B 75 -1.92 4.31 -30.29
CA MET B 75 -1.91 3.46 -31.48
C MET B 75 -2.10 1.99 -31.11
N ALA B 76 -1.56 1.61 -29.97
CA ALA B 76 -1.78 0.29 -29.41
C ALA B 76 -3.27 0.03 -29.21
N ILE B 77 -3.99 1.00 -28.64
CA ILE B 77 -5.42 0.83 -28.41
C ILE B 77 -6.18 0.87 -29.74
N TYR B 78 -5.73 1.77 -30.61
CA TYR B 78 -6.37 1.93 -31.91
C TYR B 78 -6.38 0.63 -32.69
N ASP B 79 -5.22 -0.01 -32.76
CA ASP B 79 -5.02 -1.22 -33.55
C ASP B 79 -5.78 -2.39 -32.94
N THR B 80 -5.82 -2.44 -31.62
CA THR B 80 -6.55 -3.49 -30.92
C THR B 80 -8.05 -3.37 -31.17
N MET B 81 -8.53 -2.13 -31.26
CA MET B 81 -9.93 -1.84 -31.57
C MET B 81 -10.34 -2.40 -32.93
N ASN B 82 -9.48 -2.23 -33.92
CA ASN B 82 -9.73 -2.75 -35.26
C ASN B 82 -9.45 -4.23 -35.39
N PHE B 83 -8.58 -4.74 -34.52
CA PHE B 83 -8.19 -6.15 -34.50
C PHE B 83 -9.34 -7.05 -34.04
N VAL B 84 -9.94 -6.71 -32.91
CA VAL B 84 -11.02 -7.50 -32.33
C VAL B 84 -12.24 -7.57 -33.27
N LYS B 85 -12.94 -8.70 -33.23
CA LYS B 85 -14.10 -8.93 -34.10
C LYS B 85 -15.28 -8.03 -33.70
N ALA B 86 -15.55 -7.97 -32.40
CA ALA B 86 -16.64 -7.16 -31.87
C ALA B 86 -16.53 -5.70 -32.28
N ASP B 87 -17.67 -5.08 -32.57
CA ASP B 87 -17.76 -3.65 -32.84
C ASP B 87 -17.49 -2.87 -31.55
N VAL B 88 -16.59 -1.90 -31.63
CA VAL B 88 -16.24 -1.06 -30.48
C VAL B 88 -16.95 0.29 -30.58
N GLN B 89 -17.98 0.48 -29.75
CA GLN B 89 -18.70 1.75 -29.67
C GLN B 89 -17.95 2.74 -28.78
N THR B 90 -17.84 3.98 -29.22
CA THR B 90 -17.17 5.00 -28.41
C THR B 90 -18.16 6.06 -27.92
N ILE B 91 -18.09 6.34 -26.62
CA ILE B 91 -18.93 7.33 -26.00
C ILE B 91 -18.00 8.33 -25.31
N GLY B 92 -17.92 9.53 -25.89
CA GLY B 92 -17.14 10.61 -25.29
C GLY B 92 -17.90 11.29 -24.18
N MET B 93 -17.21 11.58 -23.08
CA MET B 93 -17.80 12.32 -21.98
C MET B 93 -16.74 13.12 -21.24
N GLY B 94 -17.12 14.30 -20.77
CA GLY B 94 -16.19 15.17 -20.07
C GLY B 94 -15.23 15.84 -21.03
N MET B 95 -14.20 15.10 -21.43
CA MET B 95 -13.24 15.60 -22.37
C MET B 95 -12.57 14.48 -23.14
N ALA B 96 -12.51 14.64 -24.44
CA ALA B 96 -11.72 13.77 -25.28
C ALA B 96 -10.74 14.65 -26.04
N ALA B 97 -9.55 14.80 -25.49
CA ALA B 97 -8.55 15.63 -26.15
C ALA B 97 -7.46 14.79 -26.79
N SER B 98 -6.98 15.23 -27.95
CA SER B 98 -5.85 14.62 -28.63
C SER B 98 -6.05 13.14 -28.89
N MET B 99 -5.13 12.32 -28.40
CA MET B 99 -5.17 10.88 -28.61
C MET B 99 -6.50 10.28 -28.16
N GLY B 100 -7.10 10.88 -27.14
CA GLY B 100 -8.46 10.55 -26.71
C GLY B 100 -9.47 10.79 -27.82
N SER B 101 -9.46 11.99 -28.38
CA SER B 101 -10.41 12.33 -29.45
C SER B 101 -10.19 11.49 -30.69
N PHE B 102 -8.96 11.02 -30.85
CA PHE B 102 -8.60 10.15 -31.95
C PHE B 102 -9.25 8.77 -31.77
N LEU B 103 -9.27 8.29 -30.54
CA LEU B 103 -9.86 7.00 -30.22
C LEU B 103 -11.38 7.06 -30.30
N LEU B 104 -11.94 8.23 -29.96
CA LEU B 104 -13.37 8.49 -30.13
C LEU B 104 -13.79 8.36 -31.60
N THR B 105 -13.00 8.99 -32.48
CA THR B 105 -13.26 8.97 -33.92
C THR B 105 -13.07 7.58 -34.53
N ALA B 106 -12.25 6.77 -33.88
CA ALA B 106 -11.90 5.43 -34.37
C ALA B 106 -13.00 4.37 -34.16
N GLY B 107 -14.00 4.67 -33.34
CA GLY B 107 -15.07 3.72 -33.02
C GLY B 107 -15.86 3.24 -34.23
N ALA B 108 -16.55 2.12 -34.07
CA ALA B 108 -17.29 1.51 -35.18
C ALA B 108 -18.21 2.51 -35.85
N ASN B 109 -18.28 2.43 -37.18
CA ASN B 109 -19.16 3.29 -37.99
C ASN B 109 -20.61 3.30 -37.54
N GLY B 110 -21.15 4.51 -37.31
CA GLY B 110 -22.52 4.69 -36.84
C GLY B 110 -22.65 4.62 -35.33
N LYS B 111 -21.60 4.12 -34.68
CA LYS B 111 -21.61 3.87 -33.24
C LYS B 111 -20.57 4.69 -32.47
N ARG B 112 -20.35 5.93 -32.90
CA ARG B 112 -19.55 6.90 -32.15
C ARG B 112 -20.49 7.96 -31.60
N PHE B 113 -20.37 8.24 -30.31
CA PHE B 113 -21.27 9.19 -29.67
C PHE B 113 -20.53 10.16 -28.78
N ALA B 114 -21.21 11.21 -28.35
CA ALA B 114 -20.73 12.06 -27.25
C ALA B 114 -21.92 12.50 -26.43
N LEU B 115 -21.69 12.78 -25.16
CA LEU B 115 -22.72 13.32 -24.29
C LEU B 115 -22.83 14.83 -24.57
N PRO B 116 -24.02 15.42 -24.34
CA PRO B 116 -24.31 16.79 -24.78
C PRO B 116 -23.26 17.86 -24.45
N ASN B 117 -22.67 17.79 -23.26
CA ASN B 117 -21.75 18.84 -22.79
C ASN B 117 -20.28 18.46 -22.83
N ALA B 118 -19.96 17.43 -23.62
CA ALA B 118 -18.59 16.93 -23.74
C ALA B 118 -17.72 17.85 -24.59
N GLU B 119 -16.54 18.20 -24.05
CA GLU B 119 -15.58 19.03 -24.76
C GLU B 119 -14.67 18.12 -25.57
N ILE B 120 -14.40 18.50 -26.81
CA ILE B 120 -13.58 17.69 -27.72
C ILE B 120 -12.46 18.51 -28.35
N MET B 121 -11.28 17.91 -28.47
CA MET B 121 -10.12 18.57 -29.04
C MET B 121 -9.41 17.75 -30.11
N ILE B 122 -9.36 18.25 -31.33
CA ILE B 122 -8.71 17.54 -32.43
C ILE B 122 -7.17 17.66 -32.36
N HIS B 123 -6.69 18.70 -31.68
CA HIS B 123 -5.25 18.98 -31.57
C HIS B 123 -4.43 17.81 -31.16
N GLN B 124 -3.52 17.40 -32.04
CA GLN B 124 -2.53 16.37 -31.72
C GLN B 124 -1.11 16.96 -31.67
N PRO B 125 -0.57 17.17 -30.46
CA PRO B 125 0.71 17.84 -30.28
C PRO B 125 1.91 16.88 -30.24
N LEU B 126 3.08 17.42 -29.86
CA LEU B 126 4.36 16.68 -29.79
C LEU B 126 4.23 15.28 -29.20
N GLY B 127 3.97 15.22 -27.88
CA GLY B 127 3.69 13.95 -27.18
C GLY B 127 4.89 13.07 -26.91
N GLY B 128 5.90 13.14 -27.79
CA GLY B 128 7.08 12.30 -27.71
C GLY B 128 7.04 11.12 -28.67
N ALA B 129 6.51 11.36 -29.87
CA ALA B 129 6.30 10.31 -30.88
C ALA B 129 7.59 9.74 -31.48
N GLN B 130 8.70 10.45 -31.25
CA GLN B 130 10.02 10.02 -31.72
C GLN B 130 10.79 9.13 -30.72
N GLY B 131 10.05 8.50 -29.81
CA GLY B 131 10.60 7.55 -28.84
C GLY B 131 11.84 8.01 -28.10
N GLN B 132 12.96 7.32 -28.36
CA GLN B 132 14.24 7.62 -27.71
C GLN B 132 15.37 7.87 -28.71
N ALA B 133 15.04 8.36 -29.90
CA ALA B 133 16.03 8.70 -30.92
C ALA B 133 16.78 10.00 -30.57
N THR B 134 18.09 9.99 -30.75
CA THR B 134 18.94 11.16 -30.43
C THR B 134 19.39 11.92 -31.69
N GLU B 135 19.26 11.27 -32.85
CA GLU B 135 19.61 11.87 -34.13
C GLU B 135 18.46 12.76 -34.65
N ILE B 136 18.80 13.96 -35.11
CA ILE B 136 17.83 14.98 -35.52
C ILE B 136 17.04 14.60 -36.79
N GLU B 137 17.75 14.13 -37.82
CA GLU B 137 17.15 13.81 -39.11
C GLU B 137 16.10 12.70 -39.04
N ILE B 138 16.36 11.68 -38.23
CA ILE B 138 15.43 10.56 -38.06
C ILE B 138 14.18 10.97 -37.28
N ALA B 139 14.38 11.56 -36.09
CA ALA B 139 13.30 11.95 -35.17
C ALA B 139 12.30 12.94 -35.78
N ALA B 140 12.84 13.98 -36.43
CA ALA B 140 12.02 14.97 -37.12
C ALA B 140 11.25 14.37 -38.28
N ARG B 141 11.92 13.57 -39.10
CA ARG B 141 11.26 12.95 -40.24
C ARG B 141 10.29 11.85 -39.81
N HIS B 142 10.51 11.31 -38.62
CA HIS B 142 9.61 10.30 -38.12
C HIS B 142 8.32 10.92 -37.70
N ILE B 143 8.39 12.04 -36.98
CA ILE B 143 7.18 12.66 -36.46
C ILE B 143 6.35 13.30 -37.55
N LEU B 144 6.99 13.64 -38.66
CA LEU B 144 6.25 14.11 -39.84
C LEU B 144 5.49 12.97 -40.51
N LYS B 145 6.07 11.78 -40.50
CA LYS B 145 5.46 10.59 -41.12
C LYS B 145 4.25 10.14 -40.30
N ILE B 146 4.45 10.03 -38.98
CA ILE B 146 3.40 9.62 -38.06
C ILE B 146 2.29 10.68 -38.01
N LYS B 147 2.67 11.94 -38.14
CA LYS B 147 1.72 13.06 -38.31
C LYS B 147 0.82 12.81 -39.52
N GLU B 148 1.46 12.49 -40.65
CA GLU B 148 0.80 12.25 -41.91
C GLU B 148 -0.14 11.03 -41.89
N ARG B 149 0.26 9.96 -41.22
CA ARG B 149 -0.62 8.78 -41.18
C ARG B 149 -1.79 8.94 -40.21
N MET B 150 -1.64 9.83 -39.24
CA MET B 150 -2.74 10.14 -38.33
C MET B 150 -3.80 11.02 -38.99
N ASN B 151 -3.34 12.06 -39.69
CA ASN B 151 -4.23 12.90 -40.48
C ASN B 151 -5.02 12.07 -41.49
N THR B 152 -4.34 11.11 -42.11
CA THR B 152 -4.96 10.26 -43.13
C THR B 152 -6.06 9.38 -42.54
N ILE B 153 -5.77 8.71 -41.43
CA ILE B 153 -6.77 7.89 -40.75
C ILE B 153 -7.97 8.76 -40.42
N MET B 154 -7.70 9.91 -39.82
CA MET B 154 -8.76 10.83 -39.39
C MET B 154 -9.60 11.32 -40.56
N ALA B 155 -8.97 11.65 -41.68
CA ALA B 155 -9.68 12.03 -42.90
C ALA B 155 -10.69 10.96 -43.32
N GLU B 156 -10.26 9.70 -43.30
CA GLU B 156 -11.12 8.59 -43.72
C GLU B 156 -12.29 8.38 -42.76
N LYS B 157 -12.02 8.51 -41.46
CA LYS B 157 -13.04 8.29 -40.43
C LYS B 157 -14.09 9.39 -40.41
N THR B 158 -13.68 10.61 -40.76
CA THR B 158 -14.53 11.79 -40.70
C THR B 158 -15.16 12.13 -42.04
N GLY B 159 -14.49 11.76 -43.13
CA GLY B 159 -14.94 12.15 -44.45
C GLY B 159 -14.45 13.54 -44.81
N GLN B 160 -13.62 14.13 -43.95
CA GLN B 160 -13.11 15.48 -44.18
C GLN B 160 -11.92 15.47 -45.17
N PRO B 161 -11.71 16.58 -45.91
CA PRO B 161 -10.54 16.66 -46.77
C PRO B 161 -9.26 16.58 -45.94
N TYR B 162 -8.23 15.93 -46.46
CA TYR B 162 -6.96 15.81 -45.77
C TYR B 162 -6.48 17.15 -45.21
N GLU B 163 -6.56 18.18 -46.03
CA GLU B 163 -6.01 19.49 -45.71
C GLU B 163 -6.78 20.22 -44.61
N VAL B 164 -8.01 19.78 -44.37
CA VAL B 164 -8.84 20.32 -43.32
C VAL B 164 -8.45 19.69 -41.99
N ILE B 165 -8.23 18.36 -42.01
CA ILE B 165 -7.72 17.63 -40.85
C ILE B 165 -6.33 18.13 -40.44
N ALA B 166 -5.42 18.18 -41.42
CA ALA B 166 -4.05 18.68 -41.23
C ALA B 166 -4.00 20.02 -40.50
N ARG B 167 -4.92 20.91 -40.87
CA ARG B 167 -5.03 22.23 -40.26
C ARG B 167 -5.57 22.17 -38.82
N ASP B 168 -6.53 21.28 -38.58
CA ASP B 168 -7.18 21.19 -37.28
C ASP B 168 -6.36 20.43 -36.22
N THR B 169 -5.59 19.44 -36.64
CA THR B 169 -4.75 18.69 -35.71
C THR B 169 -3.48 19.45 -35.32
N ASP B 170 -3.20 20.56 -36.00
CA ASP B 170 -2.00 21.33 -35.74
C ASP B 170 -2.29 22.59 -34.92
N ARG B 171 -3.54 22.73 -34.47
CA ARG B 171 -3.94 23.90 -33.69
C ARG B 171 -4.92 23.56 -32.57
N ASP B 172 -4.86 24.35 -31.49
CA ASP B 172 -5.80 24.26 -30.37
C ASP B 172 -7.16 24.76 -30.77
N ASN B 173 -8.17 23.97 -30.47
CA ASN B 173 -9.52 24.26 -30.91
C ASN B 173 -10.47 23.37 -30.11
N PHE B 174 -11.57 23.95 -29.64
CA PHE B 174 -12.57 23.19 -28.92
C PHE B 174 -13.83 23.06 -29.73
N MET B 175 -14.46 21.89 -29.67
CA MET B 175 -15.72 21.65 -30.32
C MET B 175 -16.73 21.22 -29.28
N THR B 176 -17.97 21.62 -29.49
CA THR B 176 -19.06 21.07 -28.71
C THR B 176 -19.38 19.71 -29.32
N ALA B 177 -20.28 18.97 -28.67
CA ALA B 177 -20.80 17.72 -29.20
C ALA B 177 -21.43 17.91 -30.57
N GLN B 178 -22.24 18.95 -30.72
CA GLN B 178 -22.94 19.23 -31.98
C GLN B 178 -21.99 19.65 -33.10
N GLU B 179 -20.97 20.43 -32.77
CA GLU B 179 -19.97 20.82 -33.75
C GLU B 179 -19.21 19.60 -34.26
N ALA B 180 -18.82 18.74 -33.32
CA ALA B 180 -18.12 17.49 -33.62
C ALA B 180 -18.92 16.55 -34.52
N LYS B 181 -20.23 16.42 -34.25
CA LYS B 181 -21.14 15.63 -35.08
C LYS B 181 -21.18 16.15 -36.52
N ASP B 182 -21.33 17.47 -36.66
CA ASP B 182 -21.33 18.13 -37.95
C ASP B 182 -19.99 17.97 -38.67
N TYR B 183 -18.91 17.93 -37.89
CA TYR B 183 -17.56 17.73 -38.40
C TYR B 183 -17.33 16.30 -38.91
N GLY B 184 -18.02 15.32 -38.30
CA GLY B 184 -17.88 13.92 -38.66
C GLY B 184 -17.03 13.12 -37.69
N LEU B 185 -16.74 13.70 -36.53
CA LEU B 185 -15.95 13.03 -35.48
C LEU B 185 -16.78 12.00 -34.75
N ILE B 186 -18.01 12.36 -34.42
CA ILE B 186 -18.94 11.42 -33.81
C ILE B 186 -20.11 11.27 -34.77
N ASP B 187 -20.94 10.26 -34.52
CA ASP B 187 -22.08 9.99 -35.38
C ASP B 187 -23.36 10.64 -34.85
N ASP B 188 -23.49 10.76 -33.53
CA ASP B 188 -24.69 11.31 -32.90
C ASP B 188 -24.40 11.76 -31.47
N ILE B 189 -25.27 12.63 -30.97
CA ILE B 189 -25.29 13.03 -29.58
C ILE B 189 -26.35 12.19 -28.89
N ILE B 190 -25.96 11.45 -27.85
CA ILE B 190 -26.92 10.71 -27.05
C ILE B 190 -27.28 11.53 -25.82
N ILE B 191 -28.58 11.75 -25.62
CA ILE B 191 -29.05 12.57 -24.50
C ILE B 191 -29.77 11.77 -23.43
N ASN B 192 -30.58 10.79 -23.83
CA ASN B 192 -31.39 10.03 -22.87
C ASN B 192 -31.24 8.48 -22.89
N LYS B 193 -32.15 7.81 -22.17
CA LYS B 193 -32.24 6.34 -22.09
C LYS B 193 -31.12 5.68 -21.26
N LEU C 3 -5.61 1.77 -12.61
CA LEU C 3 -6.59 0.71 -12.17
C LEU C 3 -6.52 -0.53 -13.06
N ILE C 4 -6.37 -1.70 -12.42
CA ILE C 4 -6.37 -2.99 -13.12
C ILE C 4 -7.58 -3.81 -12.66
N PRO C 5 -8.58 -3.99 -13.56
CA PRO C 5 -9.89 -4.56 -13.20
C PRO C 5 -9.81 -6.04 -12.80
N THR C 6 -10.82 -6.51 -12.08
CA THR C 6 -10.77 -7.83 -11.44
C THR C 6 -11.93 -8.77 -11.84
N VAL C 7 -11.73 -9.48 -12.96
CA VAL C 7 -12.71 -10.43 -13.51
C VAL C 7 -12.93 -11.65 -12.59
N ILE C 8 -14.18 -12.10 -12.49
CA ILE C 8 -14.51 -13.31 -11.70
C ILE C 8 -15.10 -14.40 -12.59
N GLU C 9 -14.70 -15.64 -12.31
CA GLU C 9 -15.20 -16.80 -13.04
C GLU C 9 -15.59 -17.95 -12.11
N ALA C 17 -11.64 -15.33 -9.14
CA ALA C 17 -11.29 -13.93 -8.98
C ALA C 17 -9.87 -13.62 -9.47
N TYR C 18 -9.77 -13.16 -10.72
CA TYR C 18 -8.49 -12.79 -11.33
C TYR C 18 -8.46 -11.29 -11.58
N ASP C 19 -7.27 -10.72 -11.64
CA ASP C 19 -7.12 -9.42 -12.29
C ASP C 19 -7.07 -9.67 -13.80
N ILE C 20 -7.17 -8.62 -14.61
CA ILE C 20 -7.29 -8.78 -16.06
C ILE C 20 -6.15 -9.58 -16.70
N TYR C 21 -4.92 -9.36 -16.23
CA TYR C 21 -3.75 -10.07 -16.77
C TYR C 21 -3.77 -11.57 -16.45
N SER C 22 -4.16 -11.91 -15.23
CA SER C 22 -4.32 -13.31 -14.83
C SER C 22 -5.38 -14.00 -15.67
N ARG C 23 -6.44 -13.28 -16.00
CA ARG C 23 -7.51 -13.82 -16.83
C ARG C 23 -7.05 -14.09 -18.26
N LEU C 24 -6.11 -13.26 -18.75
CA LEU C 24 -5.51 -13.46 -20.05
C LEU C 24 -4.50 -14.58 -20.04
N LEU C 25 -3.81 -14.73 -18.92
CA LEU C 25 -2.85 -15.80 -18.73
C LEU C 25 -3.53 -17.17 -18.76
N LYS C 26 -4.79 -17.21 -18.31
CA LYS C 26 -5.59 -18.42 -18.42
C LYS C 26 -5.89 -18.79 -19.89
N ASP C 27 -5.70 -17.85 -20.81
CA ASP C 27 -5.74 -18.12 -22.25
C ASP C 27 -4.35 -18.05 -22.91
N ARG C 28 -3.32 -18.26 -22.09
CA ARG C 28 -1.93 -18.38 -22.57
C ARG C 28 -1.37 -17.10 -23.22
N ILE C 29 -1.80 -15.96 -22.70
CA ILE C 29 -1.38 -14.66 -23.21
C ILE C 29 -0.53 -13.96 -22.16
N ILE C 30 0.68 -13.57 -22.56
CA ILE C 30 1.57 -12.80 -21.70
C ILE C 30 1.71 -11.40 -22.25
N MET C 31 1.45 -10.39 -21.41
CA MET C 31 1.58 -9.00 -21.81
C MET C 31 2.87 -8.44 -21.25
N LEU C 32 3.79 -8.07 -22.14
CA LEU C 32 5.01 -7.37 -21.75
C LEU C 32 4.87 -5.91 -22.19
N GLY C 33 4.36 -5.07 -21.29
CA GLY C 33 4.00 -3.70 -21.62
C GLY C 33 4.75 -2.59 -20.89
N SER C 34 6.00 -2.84 -20.53
CA SER C 34 6.82 -1.86 -19.82
C SER C 34 8.30 -2.03 -20.14
N ALA C 35 9.13 -1.17 -19.55
CA ALA C 35 10.57 -1.30 -19.67
C ALA C 35 11.01 -2.64 -19.09
N ILE C 36 12.04 -3.22 -19.70
CA ILE C 36 12.51 -4.53 -19.32
C ILE C 36 13.64 -4.44 -18.29
N ASP C 37 13.27 -4.31 -17.02
CA ASP C 37 14.22 -4.44 -15.91
C ASP C 37 14.11 -5.84 -15.28
N ASP C 38 14.87 -6.07 -14.21
CA ASP C 38 14.93 -7.38 -13.58
C ASP C 38 13.63 -7.89 -12.94
N ASN C 39 12.83 -6.99 -12.39
CA ASN C 39 11.51 -7.36 -11.87
C ASN C 39 10.61 -7.92 -12.97
N VAL C 40 10.48 -7.16 -14.05
CA VAL C 40 9.66 -7.54 -15.19
C VAL C 40 10.15 -8.83 -15.83
N ALA C 41 11.46 -8.95 -16.02
CA ALA C 41 12.08 -10.15 -16.59
C ALA C 41 11.72 -11.40 -15.79
N ASN C 42 11.94 -11.35 -14.48
CA ASN C 42 11.54 -12.44 -13.59
C ASN C 42 10.07 -12.82 -13.69
N SER C 43 9.23 -11.84 -13.97
CA SER C 43 7.80 -12.04 -14.10
C SER C 43 7.45 -12.74 -15.39
N ILE C 44 8.11 -12.34 -16.48
CA ILE C 44 7.89 -12.93 -17.81
C ILE C 44 8.41 -14.37 -17.86
N VAL C 45 9.62 -14.56 -17.33
CA VAL C 45 10.26 -15.87 -17.20
C VAL C 45 9.37 -16.84 -16.42
N SER C 46 8.78 -16.35 -15.33
CA SER C 46 7.90 -17.14 -14.48
C SER C 46 6.57 -17.50 -15.14
N GLN C 47 6.08 -16.62 -16.00
CA GLN C 47 4.84 -16.88 -16.73
C GLN C 47 5.04 -17.92 -17.84
N LEU C 48 6.22 -17.93 -18.45
CA LEU C 48 6.56 -18.88 -19.51
C LEU C 48 6.75 -20.28 -18.96
N LEU C 49 7.55 -20.38 -17.90
CA LEU C 49 7.73 -21.63 -17.16
C LEU C 49 6.39 -22.26 -16.75
N PHE C 50 5.53 -21.44 -16.16
CA PHE C 50 4.22 -21.89 -15.71
C PHE C 50 3.34 -22.35 -16.88
N LEU C 51 3.28 -21.56 -17.95
CA LEU C 51 2.45 -21.93 -19.10
C LEU C 51 2.92 -23.22 -19.78
N ASP C 52 4.24 -23.38 -19.91
CA ASP C 52 4.81 -24.60 -20.48
C ASP C 52 4.53 -25.80 -19.59
N ALA C 53 4.42 -25.56 -18.28
CA ALA C 53 4.07 -26.60 -17.31
C ALA C 53 2.63 -27.10 -17.47
N GLN C 54 1.69 -26.18 -17.68
CA GLN C 54 0.27 -26.51 -17.85
C GLN C 54 0.03 -27.38 -19.08
N ASP C 55 0.45 -26.88 -20.25
CA ASP C 55 0.38 -27.64 -21.49
C ASP C 55 1.53 -27.24 -22.41
N PRO C 56 2.54 -28.12 -22.53
CA PRO C 56 3.75 -27.85 -23.32
C PRO C 56 3.49 -27.89 -24.83
N GLU C 57 2.31 -28.33 -25.24
CA GLU C 57 1.99 -28.50 -26.66
C GLU C 57 1.25 -27.29 -27.24
N LYS C 58 0.43 -26.65 -26.41
CA LYS C 58 -0.33 -25.46 -26.80
C LYS C 58 0.59 -24.24 -26.86
N ASP C 59 0.31 -23.36 -27.82
CA ASP C 59 1.14 -22.16 -28.06
C ASP C 59 0.98 -21.07 -27.00
N ILE C 60 2.01 -20.24 -26.89
CA ILE C 60 2.05 -19.11 -25.98
C ILE C 60 2.06 -17.82 -26.80
N PHE C 61 1.22 -16.84 -26.42
CA PHE C 61 1.15 -15.57 -27.13
C PHE C 61 1.76 -14.46 -26.28
N LEU C 62 2.84 -13.85 -26.75
CA LEU C 62 3.50 -12.78 -26.02
C LEU C 62 3.37 -11.45 -26.77
N TYR C 63 2.56 -10.55 -26.22
CA TYR C 63 2.37 -9.22 -26.78
C TYR C 63 3.45 -8.29 -26.27
N ILE C 64 4.09 -7.56 -27.18
CA ILE C 64 5.23 -6.69 -26.83
C ILE C 64 4.94 -5.21 -27.09
N ASN C 65 4.97 -4.42 -26.02
CA ASN C 65 4.95 -2.97 -26.10
C ASN C 65 5.98 -2.43 -25.10
N SER C 66 7.22 -2.29 -25.54
CA SER C 66 8.32 -2.00 -24.64
C SER C 66 9.35 -1.09 -25.31
N PRO C 67 9.77 -0.02 -24.60
CA PRO C 67 10.86 0.86 -25.06
C PRO C 67 12.23 0.18 -25.03
N GLY C 68 12.35 -0.92 -24.30
CA GLY C 68 13.63 -1.60 -24.13
C GLY C 68 13.89 -1.91 -22.67
N GLY C 69 15.14 -1.74 -22.25
CA GLY C 69 15.54 -2.02 -20.88
C GLY C 69 16.88 -2.74 -20.80
N SER C 70 17.08 -3.47 -19.71
CA SER C 70 18.33 -4.18 -19.45
C SER C 70 18.58 -5.35 -20.43
N ILE C 71 19.83 -5.45 -20.89
CA ILE C 71 20.20 -6.51 -21.84
C ILE C 71 20.14 -7.90 -21.20
N SER C 72 20.81 -8.09 -20.06
CA SER C 72 20.83 -9.39 -19.40
C SER C 72 19.42 -9.85 -19.02
N ALA C 73 18.55 -8.89 -18.71
CA ALA C 73 17.16 -9.15 -18.38
C ALA C 73 16.38 -9.66 -19.59
N GLY C 74 16.60 -9.04 -20.75
CA GLY C 74 16.00 -9.49 -21.99
C GLY C 74 16.55 -10.84 -22.42
N MET C 75 17.86 -11.00 -22.25
CA MET C 75 18.54 -12.26 -22.52
C MET C 75 17.96 -13.43 -21.71
N ALA C 76 17.53 -13.11 -20.48
CA ALA C 76 16.88 -14.08 -19.62
C ALA C 76 15.58 -14.56 -20.24
N ILE C 77 14.78 -13.61 -20.71
CA ILE C 77 13.50 -13.89 -21.38
C ILE C 77 13.77 -14.63 -22.69
N TYR C 78 14.76 -14.15 -23.44
CA TYR C 78 15.14 -14.80 -24.69
C TYR C 78 15.46 -16.27 -24.48
N ASP C 79 16.31 -16.57 -23.50
CA ASP C 79 16.70 -17.95 -23.22
C ASP C 79 15.52 -18.81 -22.79
N THR C 80 14.68 -18.29 -21.90
CA THR C 80 13.48 -18.97 -21.43
C THR C 80 12.51 -19.28 -22.57
N MET C 81 12.45 -18.40 -23.56
CA MET C 81 11.63 -18.60 -24.75
C MET C 81 12.14 -19.81 -25.53
N ASN C 82 13.46 -19.91 -25.67
CA ASN C 82 14.07 -21.07 -26.31
C ASN C 82 14.00 -22.32 -25.45
N PHE C 83 14.02 -22.15 -24.14
CA PHE C 83 14.01 -23.26 -23.19
C PHE C 83 12.69 -24.01 -23.16
N VAL C 84 11.58 -23.30 -23.25
CA VAL C 84 10.26 -23.93 -23.18
C VAL C 84 9.94 -24.74 -24.43
N LYS C 85 9.14 -25.79 -24.25
CA LYS C 85 8.70 -26.67 -25.34
C LYS C 85 7.63 -26.01 -26.23
N ALA C 86 6.74 -25.25 -25.61
CA ALA C 86 5.68 -24.56 -26.32
C ALA C 86 6.22 -23.45 -27.22
N ASP C 87 5.62 -23.31 -28.40
CA ASP C 87 5.93 -22.22 -29.32
C ASP C 87 5.47 -20.88 -28.76
N VAL C 88 6.41 -19.94 -28.69
CA VAL C 88 6.14 -18.57 -28.27
C VAL C 88 5.92 -17.66 -29.48
N GLN C 89 4.65 -17.37 -29.78
CA GLN C 89 4.29 -16.39 -30.79
C GLN C 89 4.47 -15.00 -30.21
N THR C 90 5.10 -14.11 -30.96
CA THR C 90 5.28 -12.72 -30.52
C THR C 90 4.41 -11.78 -31.36
N ILE C 91 3.83 -10.78 -30.70
CA ILE C 91 3.05 -9.76 -31.38
C ILE C 91 3.53 -8.39 -30.92
N GLY C 92 3.91 -7.54 -31.88
CA GLY C 92 4.36 -6.20 -31.56
C GLY C 92 3.23 -5.19 -31.69
N MET C 93 2.99 -4.46 -30.61
CA MET C 93 1.95 -3.43 -30.62
C MET C 93 2.43 -2.12 -29.99
N GLY C 94 2.09 -1.02 -30.64
CA GLY C 94 2.51 0.29 -30.16
C GLY C 94 3.96 0.51 -30.43
N MET C 95 4.82 -0.01 -29.55
CA MET C 95 6.26 0.12 -29.72
C MET C 95 7.06 -1.09 -29.28
N ALA C 96 7.98 -1.51 -30.15
CA ALA C 96 8.97 -2.50 -29.81
C ALA C 96 10.35 -1.93 -30.16
N ALA C 97 11.08 -1.50 -29.14
CA ALA C 97 12.40 -0.89 -29.34
C ALA C 97 13.48 -1.62 -28.55
N SER C 98 14.70 -1.58 -29.08
CA SER C 98 15.85 -2.22 -28.46
C SER C 98 15.53 -3.64 -28.06
N MET C 99 15.62 -3.94 -26.76
CA MET C 99 15.36 -5.29 -26.29
C MET C 99 13.94 -5.77 -26.62
N GLY C 100 13.00 -4.83 -26.69
CA GLY C 100 11.63 -5.12 -27.11
C GLY C 100 11.57 -5.66 -28.53
N SER C 101 12.38 -5.10 -29.41
CA SER C 101 12.41 -5.52 -30.81
C SER C 101 13.19 -6.81 -31.01
N PHE C 102 14.19 -7.02 -30.15
CA PHE C 102 15.00 -8.24 -30.16
C PHE C 102 14.12 -9.43 -29.75
N LEU C 103 13.32 -9.25 -28.71
CA LEU C 103 12.38 -10.28 -28.29
C LEU C 103 11.29 -10.57 -29.35
N LEU C 104 10.86 -9.52 -30.07
CA LEU C 104 9.86 -9.67 -31.12
C LEU C 104 10.34 -10.60 -32.23
N THR C 105 11.62 -10.46 -32.60
CA THR C 105 12.21 -11.31 -33.63
C THR C 105 12.50 -12.72 -33.13
N ALA C 106 12.65 -12.84 -31.81
CA ALA C 106 12.99 -14.12 -31.18
C ALA C 106 11.84 -15.12 -31.18
N GLY C 107 10.64 -14.67 -31.52
CA GLY C 107 9.46 -15.55 -31.55
C GLY C 107 9.59 -16.70 -32.53
N ALA C 108 8.74 -17.71 -32.35
CA ALA C 108 8.73 -18.94 -33.15
C ALA C 108 8.69 -18.67 -34.65
N ASN C 109 9.36 -19.51 -35.45
CA ASN C 109 9.36 -19.37 -36.92
C ASN C 109 7.96 -19.40 -37.51
N GLY C 110 7.62 -18.36 -38.28
CA GLY C 110 6.31 -18.21 -38.87
C GLY C 110 5.32 -17.50 -37.98
N LYS C 111 5.62 -17.43 -36.69
CA LYS C 111 4.70 -16.89 -35.70
C LYS C 111 5.13 -15.55 -35.04
N ARG C 112 5.86 -14.73 -35.79
CA ARG C 112 6.17 -13.36 -35.35
C ARG C 112 5.29 -12.35 -36.10
N PHE C 113 4.59 -11.54 -35.33
CA PHE C 113 3.59 -10.63 -35.88
C PHE C 113 3.76 -9.22 -35.33
N ALA C 114 3.14 -8.27 -36.01
CA ALA C 114 3.01 -6.89 -35.53
C ALA C 114 1.70 -6.31 -36.07
N LEU C 115 1.03 -5.51 -35.24
CA LEU C 115 -0.19 -4.82 -35.65
C LEU C 115 0.16 -3.68 -36.65
N PRO C 116 -0.83 -3.22 -37.45
CA PRO C 116 -0.48 -2.39 -38.60
C PRO C 116 0.29 -1.11 -38.26
N ASN C 117 -0.04 -0.50 -37.13
CA ASN C 117 0.52 0.80 -36.78
C ASN C 117 1.64 0.75 -35.74
N ALA C 118 2.32 -0.39 -35.67
CA ALA C 118 3.37 -0.58 -34.68
C ALA C 118 4.69 0.06 -35.10
N GLU C 119 5.32 0.78 -34.17
CA GLU C 119 6.65 1.35 -34.38
C GLU C 119 7.68 0.33 -33.91
N ILE C 120 8.65 0.05 -34.77
CA ILE C 120 9.71 -0.91 -34.47
C ILE C 120 11.09 -0.28 -34.66
N MET C 121 11.82 -0.17 -33.55
CA MET C 121 13.16 0.40 -33.52
C MET C 121 14.19 -0.68 -33.25
N ILE C 122 15.07 -0.88 -34.22
CA ILE C 122 16.10 -1.93 -34.17
C ILE C 122 17.31 -1.57 -33.28
N HIS C 123 17.54 -0.28 -33.10
CA HIS C 123 18.68 0.22 -32.33
C HIS C 123 18.82 -0.38 -30.96
N GLN C 124 19.93 -1.08 -30.73
CA GLN C 124 20.23 -1.67 -29.41
C GLN C 124 21.40 -0.96 -28.73
N PRO C 125 21.10 -0.02 -27.82
CA PRO C 125 22.09 0.89 -27.26
C PRO C 125 22.85 0.41 -26.02
N LEU C 126 23.73 1.28 -25.52
CA LEU C 126 24.52 1.14 -24.28
C LEU C 126 23.95 0.20 -23.21
N GLY C 127 22.93 0.65 -22.49
CA GLY C 127 22.20 -0.15 -21.51
C GLY C 127 23.05 -0.93 -20.51
N GLY C 128 24.14 -0.33 -20.03
CA GLY C 128 25.00 -0.90 -18.99
C GLY C 128 25.20 -2.41 -19.00
N ALA C 129 25.81 -2.92 -20.08
CA ALA C 129 26.01 -4.36 -20.28
C ALA C 129 27.21 -4.91 -19.50
N GLN C 130 28.01 -4.02 -18.92
CA GLN C 130 29.17 -4.38 -18.10
C GLN C 130 28.91 -4.34 -16.58
N GLY C 131 27.70 -4.77 -16.19
CA GLY C 131 27.29 -4.85 -14.77
C GLY C 131 27.88 -3.75 -13.90
N GLN C 132 28.78 -4.13 -13.01
CA GLN C 132 29.57 -3.16 -12.24
C GLN C 132 31.07 -3.48 -12.26
N ALA C 133 31.58 -3.74 -13.47
CA ALA C 133 33.01 -3.92 -13.68
C ALA C 133 33.68 -2.55 -13.74
N THR C 134 34.74 -2.38 -12.94
CA THR C 134 35.42 -1.09 -12.82
C THR C 134 36.72 -1.03 -13.66
N GLU C 135 37.17 -2.19 -14.12
CA GLU C 135 38.34 -2.30 -14.99
C GLU C 135 37.96 -1.94 -16.44
N ILE C 136 38.74 -1.07 -17.07
CA ILE C 136 38.45 -0.56 -18.43
C ILE C 136 38.46 -1.63 -19.50
N GLU C 137 39.56 -2.40 -19.58
CA GLU C 137 39.76 -3.38 -20.65
C GLU C 137 38.84 -4.60 -20.58
N ILE C 138 38.35 -4.92 -19.38
CA ILE C 138 37.37 -5.99 -19.20
C ILE C 138 35.98 -5.51 -19.62
N ALA C 139 35.57 -4.35 -19.12
CA ALA C 139 34.25 -3.77 -19.40
C ALA C 139 34.04 -3.42 -20.86
N ALA C 140 35.07 -2.83 -21.48
CA ALA C 140 35.01 -2.46 -22.88
C ALA C 140 34.93 -3.69 -23.79
N ARG C 141 35.78 -4.68 -23.53
CA ARG C 141 35.82 -5.87 -24.36
C ARG C 141 34.63 -6.80 -24.14
N HIS C 142 34.00 -6.69 -22.97
CA HIS C 142 32.82 -7.49 -22.68
C HIS C 142 31.62 -6.97 -23.40
N ILE C 143 31.48 -5.65 -23.48
CA ILE C 143 30.32 -5.08 -24.16
C ILE C 143 30.39 -5.26 -25.68
N LEU C 144 31.60 -5.30 -26.24
CA LEU C 144 31.80 -5.61 -27.65
C LEU C 144 31.41 -7.07 -27.92
N LYS C 145 31.81 -7.96 -27.01
CA LYS C 145 31.47 -9.37 -27.08
C LYS C 145 29.94 -9.58 -27.04
N ILE C 146 29.27 -8.90 -26.11
CA ILE C 146 27.82 -9.03 -25.99
C ILE C 146 27.08 -8.33 -27.14
N LYS C 147 27.71 -7.31 -27.72
CA LYS C 147 27.15 -6.63 -28.88
C LYS C 147 27.20 -7.54 -30.10
N GLU C 148 28.34 -8.21 -30.28
CA GLU C 148 28.54 -9.12 -31.41
C GLU C 148 27.60 -10.33 -31.33
N ARG C 149 27.43 -10.90 -30.14
CA ARG C 149 26.59 -12.09 -30.03
C ARG C 149 25.10 -11.77 -30.16
N MET C 150 24.74 -10.49 -29.96
CA MET C 150 23.39 -10.00 -30.26
C MET C 150 23.17 -9.81 -31.77
N ASN C 151 24.16 -9.26 -32.46
CA ASN C 151 24.12 -9.14 -33.92
C ASN C 151 23.99 -10.51 -34.60
N THR C 152 24.78 -11.48 -34.11
CA THR C 152 24.75 -12.86 -34.58
C THR C 152 23.35 -13.49 -34.43
N ILE C 153 22.73 -13.29 -33.27
CA ILE C 153 21.40 -13.84 -33.01
C ILE C 153 20.37 -13.21 -33.94
N MET C 154 20.46 -11.90 -34.12
CA MET C 154 19.52 -11.19 -35.00
C MET C 154 19.74 -11.53 -36.47
N ALA C 155 20.99 -11.69 -36.88
CA ALA C 155 21.30 -12.15 -38.24
C ALA C 155 20.65 -13.51 -38.50
N GLU C 156 20.67 -14.37 -37.49
CA GLU C 156 20.07 -15.68 -37.58
C GLU C 156 18.54 -15.62 -37.63
N LYS C 157 17.95 -14.69 -36.87
CA LYS C 157 16.48 -14.59 -36.77
C LYS C 157 15.84 -13.82 -37.92
N THR C 158 16.57 -12.86 -38.47
CA THR C 158 16.08 -12.00 -39.54
C THR C 158 16.43 -12.55 -40.91
N GLY C 159 17.45 -13.40 -40.99
CA GLY C 159 17.99 -13.82 -42.25
C GLY C 159 18.93 -12.80 -42.87
N GLN C 160 19.07 -11.63 -42.24
CA GLN C 160 19.97 -10.60 -42.75
C GLN C 160 21.42 -10.99 -42.56
N PRO C 161 22.30 -10.59 -43.49
CA PRO C 161 23.73 -10.81 -43.27
C PRO C 161 24.21 -10.05 -42.03
N TYR C 162 25.16 -10.62 -41.29
CA TYR C 162 25.73 -9.97 -40.12
C TYR C 162 26.05 -8.48 -40.34
N GLU C 163 26.79 -8.18 -41.40
CA GLU C 163 27.20 -6.80 -41.67
C GLU C 163 26.04 -5.81 -41.78
N VAL C 164 24.91 -6.26 -42.31
CA VAL C 164 23.70 -5.43 -42.33
C VAL C 164 23.18 -5.18 -40.91
N ILE C 165 23.13 -6.23 -40.08
CA ILE C 165 22.69 -6.11 -38.70
C ILE C 165 23.65 -5.27 -37.83
N ALA C 166 24.95 -5.50 -37.95
CA ALA C 166 25.92 -4.73 -37.19
C ALA C 166 25.78 -3.22 -37.44
N ARG C 167 25.53 -2.86 -38.69
CA ARG C 167 25.33 -1.45 -39.07
C ARG C 167 23.97 -0.88 -38.64
N ASP C 168 22.91 -1.66 -38.80
CA ASP C 168 21.56 -1.20 -38.45
C ASP C 168 21.30 -1.06 -36.94
N THR C 169 21.77 -2.02 -36.14
CA THR C 169 21.52 -1.97 -34.70
C THR C 169 22.39 -0.94 -34.00
N ASP C 170 23.18 -0.21 -34.76
CA ASP C 170 24.08 0.78 -34.19
C ASP C 170 23.58 2.21 -34.40
N ARG C 171 22.52 2.35 -35.21
CA ARG C 171 21.89 3.66 -35.45
C ARG C 171 20.37 3.64 -35.25
N ASP C 172 19.81 4.80 -34.91
CA ASP C 172 18.38 4.97 -34.72
C ASP C 172 17.69 5.02 -36.08
N ASN C 173 16.74 4.12 -36.28
CA ASN C 173 15.84 4.22 -37.42
C ASN C 173 14.51 3.61 -37.02
N PHE C 174 13.44 4.08 -37.64
CA PHE C 174 12.11 3.54 -37.34
C PHE C 174 11.62 2.69 -38.48
N MET C 175 10.93 1.61 -38.15
CA MET C 175 10.34 0.75 -39.16
C MET C 175 8.85 0.63 -39.00
N THR C 176 8.14 0.73 -40.11
CA THR C 176 6.72 0.42 -40.12
C THR C 176 6.61 -1.09 -40.07
N ALA C 177 5.42 -1.58 -39.74
CA ALA C 177 5.12 -3.01 -39.82
C ALA C 177 5.57 -3.63 -41.15
N GLN C 178 5.21 -3.00 -42.26
CA GLN C 178 5.55 -3.52 -43.59
C GLN C 178 7.07 -3.60 -43.83
N GLU C 179 7.81 -2.61 -43.36
CA GLU C 179 9.27 -2.61 -43.50
C GLU C 179 9.92 -3.71 -42.68
N ALA C 180 9.44 -3.90 -41.46
CA ALA C 180 9.89 -5.02 -40.60
C ALA C 180 9.68 -6.38 -41.25
N LYS C 181 8.61 -6.52 -42.02
CA LYS C 181 8.32 -7.77 -42.71
C LYS C 181 9.28 -7.98 -43.89
N ASP C 182 9.48 -6.91 -44.67
CA ASP C 182 10.44 -6.96 -45.77
C ASP C 182 11.86 -7.19 -45.25
N TYR C 183 12.15 -6.67 -44.06
CA TYR C 183 13.47 -6.82 -43.44
C TYR C 183 13.70 -8.22 -42.89
N GLY C 184 12.62 -8.91 -42.53
CA GLY C 184 12.71 -10.25 -41.96
C GLY C 184 12.60 -10.26 -40.44
N LEU C 185 12.20 -9.12 -39.88
CA LEU C 185 11.98 -8.97 -38.43
C LEU C 185 10.74 -9.73 -37.97
N ILE C 186 9.65 -9.56 -38.72
CA ILE C 186 8.41 -10.25 -38.42
C ILE C 186 7.99 -11.03 -39.66
N ASP C 187 7.12 -12.00 -39.46
CA ASP C 187 6.67 -12.87 -40.53
C ASP C 187 5.41 -12.34 -41.22
N ASP C 188 4.55 -11.65 -40.47
CA ASP C 188 3.36 -11.03 -41.06
C ASP C 188 2.79 -9.87 -40.24
N ILE C 189 1.99 -9.05 -40.91
CA ILE C 189 1.22 -7.99 -40.29
C ILE C 189 -0.16 -8.57 -40.02
N ILE C 190 -0.55 -8.64 -38.74
CA ILE C 190 -1.93 -9.02 -38.41
C ILE C 190 -2.82 -7.79 -38.40
N ILE C 191 -4.00 -7.91 -39.02
CA ILE C 191 -4.94 -6.79 -39.13
C ILE C 191 -6.29 -7.11 -38.47
N ASN C 192 -6.80 -8.32 -38.67
CA ASN C 192 -8.16 -8.66 -38.23
C ASN C 192 -8.30 -9.97 -37.41
N LYS C 193 -9.54 -10.45 -37.33
CA LYS C 193 -9.91 -11.73 -36.67
C LYS C 193 -9.72 -11.77 -35.16
N LEU D 3 3.38 -5.40 -11.71
CA LEU D 3 2.31 -6.44 -11.69
C LEU D 3 2.88 -7.87 -11.58
N ILE D 4 2.30 -8.64 -10.65
CA ILE D 4 2.59 -10.07 -10.50
C ILE D 4 1.26 -10.82 -10.55
N PRO D 5 1.01 -11.56 -11.65
CA PRO D 5 -0.31 -12.17 -11.91
C PRO D 5 -0.73 -13.21 -10.87
N THR D 6 -2.03 -13.45 -10.77
CA THR D 6 -2.60 -14.32 -9.73
C THR D 6 -3.37 -15.54 -10.28
N VAL D 7 -2.70 -16.70 -10.28
CA VAL D 7 -3.25 -17.95 -10.82
C VAL D 7 -4.19 -18.66 -9.83
N ILE D 8 -5.35 -19.08 -10.31
CA ILE D 8 -6.25 -19.93 -9.53
C ILE D 8 -6.10 -21.40 -9.95
N GLU D 9 -5.96 -22.28 -8.95
CA GLU D 9 -5.83 -23.72 -9.20
C GLU D 9 -7.19 -24.35 -9.46
N ALA D 17 -6.10 -19.58 -5.14
CA ALA D 17 -5.47 -18.38 -5.67
C ALA D 17 -4.00 -18.22 -5.23
N TYR D 18 -3.10 -18.26 -6.21
CA TYR D 18 -1.66 -18.09 -5.98
C TYR D 18 -1.19 -16.83 -6.69
N ASP D 19 -0.06 -16.27 -6.27
CA ASP D 19 0.70 -15.39 -7.15
C ASP D 19 1.58 -16.29 -8.03
N ILE D 20 2.08 -15.77 -9.14
CA ILE D 20 2.82 -16.61 -10.09
C ILE D 20 3.99 -17.39 -9.46
N TYR D 21 4.73 -16.75 -8.55
CA TYR D 21 5.82 -17.40 -7.83
C TYR D 21 5.33 -18.48 -6.89
N SER D 22 4.22 -18.22 -6.20
CA SER D 22 3.59 -19.23 -5.34
C SER D 22 3.25 -20.49 -6.15
N ARG D 23 2.73 -20.29 -7.35
CA ARG D 23 2.39 -21.40 -8.24
C ARG D 23 3.64 -22.19 -8.66
N LEU D 24 4.72 -21.48 -8.96
CA LEU D 24 6.00 -22.11 -9.26
C LEU D 24 6.59 -22.86 -8.07
N LEU D 25 6.33 -22.35 -6.86
CA LEU D 25 6.79 -22.98 -5.63
C LEU D 25 6.12 -24.34 -5.41
N LYS D 26 4.86 -24.46 -5.81
CA LYS D 26 4.15 -25.75 -5.81
C LYS D 26 4.81 -26.79 -6.74
N ASP D 27 5.45 -26.32 -7.81
CA ASP D 27 6.25 -27.18 -8.67
C ASP D 27 7.73 -27.24 -8.26
N ARG D 28 8.02 -26.76 -7.04
CA ARG D 28 9.36 -26.86 -6.41
C ARG D 28 10.43 -25.95 -7.03
N ILE D 29 9.98 -24.84 -7.60
CA ILE D 29 10.86 -23.88 -8.24
C ILE D 29 11.00 -22.64 -7.37
N ILE D 30 12.24 -22.23 -7.11
CA ILE D 30 12.53 -21.00 -6.37
C ILE D 30 13.23 -20.00 -7.29
N MET D 31 12.66 -18.80 -7.39
CA MET D 31 13.25 -17.73 -8.18
C MET D 31 14.08 -16.78 -7.31
N LEU D 32 15.40 -16.85 -7.45
CA LEU D 32 16.26 -15.82 -6.88
C LEU D 32 16.62 -14.83 -7.98
N GLY D 33 15.84 -13.75 -8.06
CA GLY D 33 15.97 -12.80 -9.15
C GLY D 33 16.22 -11.34 -8.78
N SER D 34 16.79 -11.13 -7.60
CA SER D 34 17.12 -9.77 -7.15
C SER D 34 18.43 -9.78 -6.35
N ALA D 35 18.93 -8.59 -6.02
CA ALA D 35 20.13 -8.47 -5.17
C ALA D 35 19.89 -9.15 -3.83
N ILE D 36 20.92 -9.85 -3.34
CA ILE D 36 20.78 -10.63 -2.13
C ILE D 36 21.01 -9.77 -0.90
N ASP D 37 19.92 -9.26 -0.34
CA ASP D 37 19.95 -8.57 0.94
C ASP D 37 19.36 -9.50 2.01
N ASP D 38 19.14 -8.96 3.21
CA ASP D 38 18.67 -9.79 4.33
C ASP D 38 17.21 -10.26 4.22
N ASN D 39 16.36 -9.47 3.56
CA ASN D 39 14.97 -9.87 3.35
C ASN D 39 14.84 -10.94 2.30
N VAL D 40 15.72 -10.87 1.29
CA VAL D 40 15.77 -11.84 0.20
C VAL D 40 16.27 -13.19 0.72
N ALA D 41 17.40 -13.18 1.43
CA ALA D 41 17.95 -14.38 2.07
C ALA D 41 16.90 -15.15 2.87
N ASN D 42 16.24 -14.46 3.79
CA ASN D 42 15.24 -15.08 4.64
C ASN D 42 14.04 -15.64 3.90
N SER D 43 13.70 -15.03 2.76
CA SER D 43 12.66 -15.53 1.87
C SER D 43 13.11 -16.82 1.17
N ILE D 44 14.36 -16.85 0.71
CA ILE D 44 14.94 -18.03 0.07
C ILE D 44 15.00 -19.16 1.09
N VAL D 45 15.70 -18.91 2.20
CA VAL D 45 15.84 -19.87 3.30
C VAL D 45 14.51 -20.52 3.69
N SER D 46 13.49 -19.69 3.88
CA SER D 46 12.17 -20.16 4.25
C SER D 46 11.59 -21.09 3.19
N GLN D 47 11.79 -20.73 1.93
CA GLN D 47 11.25 -21.53 0.84
C GLN D 47 11.92 -22.90 0.80
N LEU D 48 13.24 -22.93 1.02
CA LEU D 48 14.01 -24.17 1.07
C LEU D 48 13.63 -25.04 2.27
N LEU D 49 13.32 -24.39 3.40
CA LEU D 49 12.80 -25.06 4.58
C LEU D 49 11.41 -25.63 4.36
N PHE D 50 10.56 -24.88 3.68
CA PHE D 50 9.21 -25.33 3.42
C PHE D 50 9.19 -26.53 2.47
N LEU D 51 9.93 -26.42 1.37
CA LEU D 51 9.94 -27.49 0.35
C LEU D 51 10.47 -28.80 0.91
N ASP D 52 11.56 -28.73 1.70
CA ASP D 52 12.17 -29.94 2.28
C ASP D 52 11.24 -30.62 3.30
N ALA D 53 10.45 -29.83 4.02
CA ALA D 53 9.44 -30.37 4.92
C ALA D 53 8.29 -31.00 4.14
N GLN D 54 7.98 -30.43 2.97
CA GLN D 54 6.92 -30.96 2.10
C GLN D 54 7.26 -32.36 1.61
N ASP D 55 8.43 -32.48 0.98
CA ASP D 55 8.89 -33.74 0.41
C ASP D 55 10.41 -33.70 0.24
N PRO D 56 11.14 -34.34 1.17
CA PRO D 56 12.60 -34.26 1.19
C PRO D 56 13.29 -35.15 0.15
N GLU D 57 12.50 -35.85 -0.65
CA GLU D 57 13.03 -36.75 -1.68
C GLU D 57 13.11 -36.07 -3.05
N LYS D 58 12.08 -35.30 -3.38
CA LYS D 58 12.03 -34.56 -4.64
C LYS D 58 13.05 -33.44 -4.70
N ASP D 59 13.64 -33.26 -5.88
CA ASP D 59 14.62 -32.21 -6.13
C ASP D 59 14.01 -30.82 -6.06
N ILE D 60 14.88 -29.83 -5.88
CA ILE D 60 14.47 -28.43 -5.85
C ILE D 60 15.22 -27.68 -6.95
N PHE D 61 14.53 -26.72 -7.57
CA PHE D 61 15.10 -25.96 -8.69
C PHE D 61 15.22 -24.48 -8.34
N LEU D 62 16.45 -24.05 -8.12
CA LEU D 62 16.75 -22.66 -7.78
C LEU D 62 17.31 -21.90 -8.99
N TYR D 63 16.46 -21.07 -9.60
CA TYR D 63 16.84 -20.25 -10.73
C TYR D 63 17.50 -18.99 -10.20
N ILE D 64 18.69 -18.69 -10.69
CA ILE D 64 19.46 -17.56 -10.19
C ILE D 64 19.68 -16.49 -11.26
N ASN D 65 19.13 -15.32 -10.99
CA ASN D 65 19.43 -14.12 -11.75
C ASN D 65 19.70 -12.97 -10.77
N SER D 66 20.94 -12.88 -10.30
CA SER D 66 21.29 -11.90 -9.25
C SER D 66 22.67 -11.26 -9.38
N PRO D 67 22.75 -9.92 -9.22
CA PRO D 67 24.04 -9.20 -9.25
C PRO D 67 24.88 -9.40 -7.98
N GLY D 68 24.34 -10.14 -7.02
CA GLY D 68 25.04 -10.43 -5.78
C GLY D 68 24.42 -9.70 -4.62
N GLY D 69 25.20 -9.50 -3.56
CA GLY D 69 24.74 -8.76 -2.40
C GLY D 69 25.54 -9.05 -1.14
N SER D 70 24.83 -9.01 -0.01
CA SER D 70 25.42 -9.22 1.32
C SER D 70 25.97 -10.63 1.48
N ILE D 71 27.25 -10.71 1.87
CA ILE D 71 27.96 -11.98 1.98
C ILE D 71 27.41 -12.93 3.06
N SER D 72 27.04 -12.37 4.21
CA SER D 72 26.45 -13.19 5.28
C SER D 72 25.05 -13.68 4.90
N ALA D 73 24.33 -12.89 4.12
CA ALA D 73 23.00 -13.25 3.64
C ALA D 73 23.11 -14.39 2.65
N GLY D 74 24.14 -14.33 1.79
CA GLY D 74 24.39 -15.38 0.80
C GLY D 74 24.78 -16.67 1.47
N MET D 75 25.66 -16.58 2.47
CA MET D 75 26.13 -17.72 3.25
C MET D 75 25.00 -18.43 3.99
N ALA D 76 23.98 -17.67 4.38
CA ALA D 76 22.77 -18.23 4.99
C ALA D 76 21.99 -19.09 3.98
N ILE D 77 21.88 -18.62 2.74
CA ILE D 77 21.24 -19.40 1.69
C ILE D 77 22.08 -20.64 1.42
N TYR D 78 23.39 -20.44 1.27
CA TYR D 78 24.30 -21.54 1.02
C TYR D 78 24.20 -22.64 2.07
N ASP D 79 24.19 -22.26 3.35
CA ASP D 79 24.14 -23.22 4.43
C ASP D 79 22.84 -24.02 4.45
N THR D 80 21.74 -23.36 4.09
CA THR D 80 20.42 -23.99 4.03
C THR D 80 20.31 -24.92 2.84
N MET D 81 21.07 -24.62 1.77
CA MET D 81 21.14 -25.50 0.62
C MET D 81 21.78 -26.82 1.00
N ASN D 82 22.79 -26.77 1.85
CA ASN D 82 23.45 -27.97 2.36
C ASN D 82 22.66 -28.67 3.46
N PHE D 83 22.03 -27.89 4.33
CA PHE D 83 21.23 -28.41 5.42
C PHE D 83 20.10 -29.31 4.92
N VAL D 84 19.34 -28.83 3.94
CA VAL D 84 18.20 -29.59 3.44
C VAL D 84 18.61 -30.93 2.83
N LYS D 85 17.72 -31.91 2.96
CA LYS D 85 17.95 -33.27 2.48
C LYS D 85 17.84 -33.35 0.95
N ALA D 86 16.89 -32.59 0.38
CA ALA D 86 16.67 -32.57 -1.06
C ALA D 86 17.86 -31.99 -1.82
N ASP D 87 18.18 -32.61 -2.95
CA ASP D 87 19.18 -32.10 -3.86
C ASP D 87 18.71 -30.77 -4.42
N VAL D 88 19.54 -29.74 -4.30
CA VAL D 88 19.20 -28.40 -4.80
C VAL D 88 19.90 -28.12 -6.12
N GLN D 89 19.11 -28.08 -7.19
CA GLN D 89 19.62 -27.80 -8.54
C GLN D 89 19.64 -26.29 -8.80
N THR D 90 20.71 -25.81 -9.41
CA THR D 90 20.84 -24.39 -9.72
C THR D 90 20.83 -24.15 -11.22
N ILE D 91 20.05 -23.16 -11.66
CA ILE D 91 20.01 -22.79 -13.06
C ILE D 91 20.30 -21.30 -13.16
N GLY D 92 21.44 -20.96 -13.74
CA GLY D 92 21.80 -19.55 -13.89
C GLY D 92 21.19 -18.98 -15.15
N MET D 93 20.48 -17.87 -15.03
CA MET D 93 19.94 -17.17 -16.19
C MET D 93 20.19 -15.67 -16.15
N GLY D 94 20.41 -15.09 -17.33
CA GLY D 94 20.68 -13.66 -17.42
C GLY D 94 22.03 -13.29 -16.85
N MET D 95 22.07 -13.13 -15.52
CA MET D 95 23.30 -12.75 -14.85
C MET D 95 23.44 -13.45 -13.50
N ALA D 96 24.62 -14.01 -13.27
CA ALA D 96 24.97 -14.51 -11.96
C ALA D 96 26.33 -13.93 -11.59
N ALA D 97 26.31 -12.93 -10.71
CA ALA D 97 27.52 -12.23 -10.33
C ALA D 97 27.74 -12.27 -8.83
N SER D 98 29.01 -12.36 -8.43
CA SER D 98 29.41 -12.46 -7.02
C SER D 98 28.63 -13.56 -6.30
N MET D 99 27.94 -13.19 -5.22
CA MET D 99 27.28 -14.18 -4.37
C MET D 99 26.27 -15.05 -5.13
N GLY D 100 25.71 -14.50 -6.21
CA GLY D 100 24.85 -15.26 -7.11
C GLY D 100 25.59 -16.39 -7.81
N SER D 101 26.80 -16.09 -8.29
CA SER D 101 27.62 -17.08 -8.98
C SER D 101 28.17 -18.12 -7.99
N PHE D 102 28.42 -17.70 -6.76
CA PHE D 102 28.85 -18.60 -5.69
C PHE D 102 27.72 -19.55 -5.32
N LEU D 103 26.49 -19.05 -5.31
CA LEU D 103 25.33 -19.89 -5.04
C LEU D 103 25.06 -20.87 -6.19
N LEU D 104 25.31 -20.43 -7.42
CA LEU D 104 25.19 -21.28 -8.60
C LEU D 104 26.14 -22.49 -8.53
N THR D 105 27.40 -22.21 -8.24
CA THR D 105 28.43 -23.24 -8.06
C THR D 105 28.14 -24.18 -6.91
N ALA D 106 27.33 -23.70 -5.96
CA ALA D 106 27.04 -24.44 -4.74
C ALA D 106 25.95 -25.50 -4.94
N GLY D 107 25.36 -25.54 -6.13
CA GLY D 107 24.30 -26.50 -6.42
C GLY D 107 24.79 -27.93 -6.31
N ALA D 108 23.86 -28.87 -6.19
CA ALA D 108 24.19 -30.28 -6.07
C ALA D 108 25.05 -30.73 -7.25
N ASN D 109 26.05 -31.55 -6.96
CA ASN D 109 26.95 -32.12 -7.97
C ASN D 109 26.22 -32.76 -9.16
N GLY D 110 26.59 -32.33 -10.36
CA GLY D 110 26.00 -32.84 -11.59
C GLY D 110 24.72 -32.10 -11.97
N LYS D 111 24.29 -31.18 -11.11
CA LYS D 111 23.02 -30.50 -11.30
C LYS D 111 23.14 -28.98 -11.20
N ARG D 112 24.26 -28.45 -11.70
CA ARG D 112 24.44 -27.02 -11.84
C ARG D 112 24.42 -26.66 -13.32
N PHE D 113 23.50 -25.78 -13.70
CA PHE D 113 23.24 -25.47 -15.10
C PHE D 113 23.26 -23.97 -15.37
N ALA D 114 23.45 -23.61 -16.63
CA ALA D 114 23.28 -22.24 -17.09
C ALA D 114 22.65 -22.25 -18.47
N LEU D 115 21.73 -21.30 -18.71
CA LEU D 115 21.17 -21.11 -20.04
C LEU D 115 22.21 -20.42 -20.93
N PRO D 116 22.24 -20.78 -22.23
CA PRO D 116 23.32 -20.43 -23.17
C PRO D 116 23.86 -18.99 -23.09
N ASN D 117 22.99 -18.01 -22.91
CA ASN D 117 23.40 -16.61 -22.90
C ASN D 117 23.41 -15.98 -21.49
N ALA D 118 23.84 -16.75 -20.50
CA ALA D 118 23.93 -16.22 -19.14
C ALA D 118 25.30 -15.59 -18.88
N GLU D 119 25.28 -14.37 -18.37
CA GLU D 119 26.50 -13.70 -17.95
C GLU D 119 26.89 -14.27 -16.59
N ILE D 120 28.18 -14.59 -16.44
CA ILE D 120 28.69 -15.10 -15.16
C ILE D 120 29.99 -14.40 -14.72
N MET D 121 29.92 -13.78 -13.56
CA MET D 121 31.06 -13.10 -12.95
C MET D 121 31.40 -13.71 -11.60
N ILE D 122 32.59 -14.28 -11.48
CA ILE D 122 33.00 -14.93 -10.23
C ILE D 122 33.45 -13.94 -9.15
N HIS D 123 33.87 -12.75 -9.58
CA HIS D 123 34.44 -11.74 -8.67
C HIS D 123 33.57 -11.42 -7.50
N GLN D 124 34.11 -11.63 -6.30
CA GLN D 124 33.45 -11.26 -5.05
C GLN D 124 34.15 -10.07 -4.41
N PRO D 125 33.52 -8.87 -4.47
CA PRO D 125 34.11 -7.64 -3.94
C PRO D 125 33.82 -7.42 -2.45
N LEU D 126 34.21 -6.24 -1.94
CA LEU D 126 34.12 -5.90 -0.50
C LEU D 126 32.82 -6.33 0.20
N GLY D 127 31.69 -5.79 -0.23
CA GLY D 127 30.36 -6.23 0.22
C GLY D 127 30.00 -6.03 1.69
N GLY D 128 30.94 -5.50 2.47
CA GLY D 128 30.73 -5.23 3.90
C GLY D 128 30.63 -6.48 4.77
N ALA D 129 31.60 -7.38 4.63
CA ALA D 129 31.60 -8.64 5.37
C ALA D 129 31.99 -8.48 6.85
N GLN D 130 32.55 -7.32 7.18
CA GLN D 130 32.97 -7.01 8.55
C GLN D 130 31.86 -6.35 9.39
N GLY D 131 30.61 -6.66 9.06
CA GLY D 131 29.42 -6.24 9.82
C GLY D 131 29.45 -4.82 10.36
N GLN D 132 29.53 -4.71 11.68
CA GLN D 132 29.53 -3.41 12.37
C GLN D 132 30.79 -3.19 13.20
N ALA D 133 31.89 -3.83 12.80
CA ALA D 133 33.17 -3.67 13.47
C ALA D 133 33.78 -2.29 13.21
N THR D 134 34.25 -1.64 14.28
CA THR D 134 34.84 -0.30 14.22
C THR D 134 36.37 -0.36 14.24
N GLU D 135 36.91 -1.36 14.93
CA GLU D 135 38.36 -1.57 15.05
C GLU D 135 38.94 -2.10 13.73
N ILE D 136 40.12 -1.58 13.37
CA ILE D 136 40.80 -1.95 12.13
C ILE D 136 41.33 -3.40 12.15
N GLU D 137 42.04 -3.76 13.23
CA GLU D 137 42.72 -5.06 13.35
C GLU D 137 41.80 -6.25 13.11
N ILE D 138 40.64 -6.25 13.76
CA ILE D 138 39.66 -7.34 13.64
C ILE D 138 38.98 -7.31 12.26
N ALA D 139 38.45 -6.14 11.87
CA ALA D 139 37.64 -5.99 10.66
C ALA D 139 38.36 -6.38 9.36
N ALA D 140 39.62 -5.99 9.24
CA ALA D 140 40.44 -6.36 8.09
C ALA D 140 40.74 -7.87 8.09
N ARG D 141 41.17 -8.37 9.24
CA ARG D 141 41.55 -9.77 9.36
C ARG D 141 40.36 -10.73 9.22
N HIS D 142 39.17 -10.28 9.62
CA HIS D 142 37.99 -11.10 9.47
C HIS D 142 37.68 -11.35 8.03
N ILE D 143 37.69 -10.28 7.23
CA ILE D 143 37.26 -10.38 5.83
C ILE D 143 38.25 -11.17 4.96
N LEU D 144 39.49 -11.33 5.44
CA LEU D 144 40.46 -12.22 4.81
C LEU D 144 40.14 -13.68 5.12
N LYS D 145 39.82 -13.97 6.38
CA LYS D 145 39.35 -15.31 6.80
C LYS D 145 38.15 -15.77 5.97
N ILE D 146 37.10 -14.94 5.93
CA ILE D 146 35.90 -15.26 5.19
C ILE D 146 36.15 -15.28 3.67
N LYS D 147 37.10 -14.45 3.22
CA LYS D 147 37.58 -14.53 1.84
C LYS D 147 38.18 -15.90 1.58
N GLU D 148 39.04 -16.32 2.52
CA GLU D 148 39.79 -17.56 2.42
C GLU D 148 38.90 -18.81 2.44
N ARG D 149 37.89 -18.83 3.31
CA ARG D 149 37.03 -20.00 3.35
C ARG D 149 35.94 -20.02 2.27
N MET D 150 35.79 -18.89 1.55
CA MET D 150 34.97 -18.85 0.35
C MET D 150 35.72 -19.42 -0.86
N ASN D 151 36.99 -19.02 -0.99
CA ASN D 151 37.89 -19.56 -2.03
C ASN D 151 38.08 -21.08 -1.91
N THR D 152 38.07 -21.57 -0.68
CA THR D 152 38.21 -23.00 -0.40
C THR D 152 36.99 -23.79 -0.88
N ILE D 153 35.79 -23.33 -0.52
CA ILE D 153 34.55 -23.95 -0.98
C ILE D 153 34.44 -23.91 -2.51
N MET D 154 34.97 -22.85 -3.10
CA MET D 154 34.95 -22.73 -4.56
C MET D 154 35.97 -23.64 -5.27
N ALA D 155 37.16 -23.77 -4.67
CA ALA D 155 38.18 -24.69 -5.17
C ALA D 155 37.63 -26.12 -5.22
N GLU D 156 36.98 -26.53 -4.14
CA GLU D 156 36.38 -27.87 -4.02
C GLU D 156 35.29 -28.14 -5.05
N LYS D 157 34.37 -27.19 -5.21
CA LYS D 157 33.21 -27.33 -6.09
C LYS D 157 33.56 -27.32 -7.58
N THR D 158 34.63 -26.60 -7.92
CA THR D 158 35.06 -26.46 -9.31
C THR D 158 36.17 -27.44 -9.67
N GLY D 159 36.93 -27.87 -8.67
CA GLY D 159 38.09 -28.72 -8.89
C GLY D 159 39.30 -27.95 -9.38
N GLN D 160 39.21 -26.62 -9.36
CA GLN D 160 40.33 -25.76 -9.70
C GLN D 160 41.26 -25.71 -8.49
N PRO D 161 42.58 -25.62 -8.73
CA PRO D 161 43.49 -25.44 -7.60
C PRO D 161 43.13 -24.17 -6.82
N TYR D 162 43.23 -24.23 -5.49
CA TYR D 162 42.87 -23.11 -4.62
C TYR D 162 43.43 -21.78 -5.12
N GLU D 163 44.72 -21.77 -5.47
CA GLU D 163 45.40 -20.54 -5.86
C GLU D 163 44.84 -19.88 -7.12
N VAL D 164 44.38 -20.71 -8.06
CA VAL D 164 43.72 -20.21 -9.26
C VAL D 164 42.40 -19.52 -8.89
N ILE D 165 41.61 -20.17 -8.02
CA ILE D 165 40.38 -19.58 -7.52
C ILE D 165 40.64 -18.24 -6.81
N ALA D 166 41.57 -18.25 -5.85
CA ALA D 166 41.92 -17.04 -5.09
C ALA D 166 42.33 -15.87 -5.99
N ARG D 167 43.00 -16.17 -7.09
CA ARG D 167 43.41 -15.14 -8.04
C ARG D 167 42.22 -14.65 -8.87
N ASP D 168 41.36 -15.57 -9.33
CA ASP D 168 40.26 -15.26 -10.25
C ASP D 168 39.06 -14.52 -9.64
N THR D 169 38.83 -14.73 -8.35
CA THR D 169 37.70 -14.09 -7.65
C THR D 169 38.05 -12.69 -7.11
N ASP D 170 39.31 -12.30 -7.27
CA ASP D 170 39.76 -10.96 -6.91
C ASP D 170 40.04 -10.05 -8.12
N ARG D 171 39.37 -10.35 -9.24
CA ARG D 171 39.44 -9.51 -10.43
C ARG D 171 38.14 -9.57 -11.23
N ASP D 172 37.78 -8.44 -11.84
CA ASP D 172 36.65 -8.37 -12.74
C ASP D 172 36.90 -9.27 -13.93
N ASN D 173 36.05 -10.27 -14.11
CA ASN D 173 36.21 -11.26 -15.15
C ASN D 173 34.86 -11.83 -15.56
N PHE D 174 34.52 -11.67 -16.83
CA PHE D 174 33.25 -12.17 -17.34
C PHE D 174 33.40 -13.55 -17.97
N MET D 175 32.36 -14.38 -17.83
CA MET D 175 32.36 -15.71 -18.42
C MET D 175 31.07 -16.02 -19.15
N THR D 176 31.18 -16.69 -20.29
CA THR D 176 30.03 -17.28 -20.96
C THR D 176 29.73 -18.63 -20.32
N ALA D 177 28.50 -19.12 -20.52
CA ALA D 177 28.07 -20.42 -20.02
C ALA D 177 29.02 -21.54 -20.39
N GLN D 178 29.58 -21.47 -21.60
CA GLN D 178 30.54 -22.46 -22.07
C GLN D 178 31.86 -22.41 -21.30
N GLU D 179 32.39 -21.20 -21.08
CA GLU D 179 33.62 -21.05 -20.30
C GLU D 179 33.42 -21.50 -18.86
N ALA D 180 32.24 -21.22 -18.32
CA ALA D 180 31.86 -21.62 -16.97
C ALA D 180 31.81 -23.15 -16.81
N LYS D 181 31.35 -23.82 -17.86
CA LYS D 181 31.34 -25.27 -17.91
C LYS D 181 32.78 -25.79 -17.88
N ASP D 182 33.63 -25.22 -18.74
CA ASP D 182 35.05 -25.59 -18.81
C ASP D 182 35.79 -25.28 -17.52
N TYR D 183 35.35 -24.26 -16.81
CA TYR D 183 35.96 -23.86 -15.56
C TYR D 183 35.57 -24.78 -14.40
N GLY D 184 34.40 -25.41 -14.50
CA GLY D 184 33.88 -26.28 -13.45
C GLY D 184 32.84 -25.63 -12.56
N LEU D 185 32.39 -24.43 -12.94
CA LEU D 185 31.38 -23.69 -12.18
C LEU D 185 30.00 -24.27 -12.38
N ILE D 186 29.76 -24.79 -13.58
CA ILE D 186 28.51 -25.47 -13.88
C ILE D 186 28.85 -26.79 -14.55
N ASP D 187 27.92 -27.73 -14.49
CA ASP D 187 28.12 -29.06 -15.03
C ASP D 187 27.77 -29.15 -16.52
N ASP D 188 26.74 -28.39 -16.92
CA ASP D 188 26.27 -28.43 -18.28
C ASP D 188 25.48 -27.19 -18.64
N ILE D 189 25.36 -26.92 -19.94
CA ILE D 189 24.50 -25.88 -20.47
C ILE D 189 23.18 -26.50 -20.93
N ILE D 190 22.06 -26.01 -20.39
CA ILE D 190 20.76 -26.51 -20.81
C ILE D 190 20.11 -25.57 -21.82
N ILE D 191 19.85 -26.11 -23.01
CA ILE D 191 19.29 -25.31 -24.09
C ILE D 191 17.78 -25.54 -24.21
N ASN D 192 17.33 -26.78 -23.95
CA ASN D 192 15.94 -27.17 -24.19
C ASN D 192 15.26 -27.97 -23.08
N LYS D 193 14.25 -28.76 -23.47
CA LYS D 193 13.39 -29.52 -22.54
C LYS D 193 12.61 -28.63 -21.55
N LEU E 3 9.20 -9.74 -2.20
CA LEU E 3 8.04 -10.65 -2.45
C LEU E 3 8.02 -11.85 -1.48
N ILE E 4 6.86 -12.07 -0.87
CA ILE E 4 6.65 -13.17 0.06
C ILE E 4 5.62 -14.14 -0.51
N PRO E 5 6.04 -15.36 -0.88
CA PRO E 5 5.17 -16.32 -1.57
C PRO E 5 4.00 -16.77 -0.70
N THR E 6 2.91 -17.21 -1.34
CA THR E 6 1.68 -17.56 -0.66
C THR E 6 1.23 -19.02 -0.88
N VAL E 7 1.63 -19.90 0.04
CA VAL E 7 1.28 -21.32 -0.01
C VAL E 7 -0.22 -21.56 0.28
N ILE E 8 -0.81 -22.54 -0.42
CA ILE E 8 -2.20 -22.94 -0.16
C ILE E 8 -2.28 -24.43 0.21
N GLU E 9 -2.99 -24.74 1.28
CA GLU E 9 -3.13 -26.11 1.77
C GLU E 9 -4.56 -26.62 1.62
N ALA E 17 -5.08 -20.14 2.68
CA ALA E 17 -3.89 -19.49 2.13
C ALA E 17 -3.00 -18.86 3.22
N TYR E 18 -1.72 -19.17 3.17
CA TYR E 18 -0.75 -18.62 4.10
C TYR E 18 0.28 -17.80 3.31
N ASP E 19 1.05 -16.95 4.00
CA ASP E 19 2.32 -16.51 3.43
C ASP E 19 3.37 -17.53 3.88
N ILE E 20 4.56 -17.49 3.29
CA ILE E 20 5.59 -18.51 3.55
C ILE E 20 5.96 -18.65 5.05
N TYR E 21 6.01 -17.53 5.77
CA TYR E 21 6.31 -17.54 7.19
C TYR E 21 5.16 -18.12 8.02
N SER E 22 3.93 -17.85 7.59
CA SER E 22 2.74 -18.36 8.27
C SER E 22 2.68 -19.88 8.18
N ARG E 23 3.13 -20.42 7.04
CA ARG E 23 3.20 -21.86 6.86
C ARG E 23 4.30 -22.45 7.76
N LEU E 24 5.45 -21.78 7.82
CA LEU E 24 6.54 -22.19 8.70
C LEU E 24 6.17 -22.11 10.16
N LEU E 25 5.29 -21.19 10.51
CA LEU E 25 4.77 -21.12 11.86
C LEU E 25 3.93 -22.35 12.19
N LYS E 26 3.27 -22.91 11.18
CA LYS E 26 2.46 -24.12 11.34
C LYS E 26 3.33 -25.35 11.64
N ASP E 27 4.62 -25.25 11.32
CA ASP E 27 5.60 -26.26 11.70
C ASP E 27 6.45 -25.80 12.89
N ARG E 28 5.91 -24.83 13.64
CA ARG E 28 6.53 -24.29 14.87
C ARG E 28 7.90 -23.61 14.67
N ILE E 29 8.11 -23.10 13.46
CA ILE E 29 9.34 -22.41 13.11
C ILE E 29 9.07 -20.90 13.09
N ILE E 30 9.88 -20.15 13.85
CA ILE E 30 9.85 -18.70 13.85
C ILE E 30 11.11 -18.17 13.19
N MET E 31 10.96 -17.20 12.29
CA MET E 31 12.10 -16.63 11.57
C MET E 31 12.40 -15.21 12.03
N LEU E 32 13.48 -15.06 12.81
CA LEU E 32 13.95 -13.74 13.19
C LEU E 32 15.10 -13.34 12.26
N GLY E 33 14.76 -12.60 11.21
CA GLY E 33 15.71 -12.30 10.14
C GLY E 33 16.03 -10.84 9.87
N SER E 34 15.93 -9.99 10.90
CA SER E 34 16.19 -8.56 10.74
C SER E 34 16.61 -7.90 12.06
N ALA E 35 16.87 -6.60 11.99
CA ALA E 35 17.16 -5.80 13.18
C ALA E 35 16.01 -5.91 14.16
N ILE E 36 16.35 -5.93 15.45
CA ILE E 36 15.34 -6.07 16.50
C ILE E 36 14.90 -4.72 16.99
N ASP E 37 13.98 -4.10 16.25
CA ASP E 37 13.23 -2.94 16.75
C ASP E 37 11.96 -3.44 17.44
N ASP E 38 11.14 -2.51 17.96
CA ASP E 38 10.00 -2.88 18.77
C ASP E 38 8.82 -3.54 18.03
N ASN E 39 8.71 -3.30 16.73
CA ASN E 39 7.73 -4.00 15.90
C ASN E 39 8.07 -5.47 15.84
N VAL E 40 9.34 -5.74 15.54
CA VAL E 40 9.89 -7.10 15.45
C VAL E 40 9.72 -7.84 16.78
N ALA E 41 10.13 -7.21 17.87
CA ALA E 41 10.01 -7.81 19.19
C ALA E 41 8.58 -8.22 19.50
N ASN E 42 7.63 -7.33 19.17
CA ASN E 42 6.21 -7.60 19.41
C ASN E 42 5.66 -8.74 18.59
N SER E 43 6.11 -8.80 17.34
CA SER E 43 5.72 -9.86 16.42
C SER E 43 6.22 -11.22 16.92
N ILE E 44 7.50 -11.27 17.31
CA ILE E 44 8.11 -12.51 17.80
C ILE E 44 7.41 -13.01 19.06
N VAL E 45 7.29 -12.12 20.04
CA VAL E 45 6.63 -12.41 21.33
C VAL E 45 5.23 -13.01 21.14
N SER E 46 4.53 -12.52 20.12
CA SER E 46 3.18 -12.95 19.82
C SER E 46 3.18 -14.34 19.21
N GLN E 47 4.17 -14.58 18.34
CA GLN E 47 4.38 -15.88 17.72
C GLN E 47 4.71 -16.93 18.79
N LEU E 48 5.56 -16.58 19.74
CA LEU E 48 5.90 -17.47 20.85
C LEU E 48 4.70 -17.74 21.75
N LEU E 49 3.99 -16.67 22.13
CA LEU E 49 2.75 -16.78 22.90
C LEU E 49 1.71 -17.66 22.21
N PHE E 50 1.50 -17.41 20.91
CA PHE E 50 0.56 -18.20 20.11
C PHE E 50 0.96 -19.67 20.05
N LEU E 51 2.24 -19.93 19.78
CA LEU E 51 2.73 -21.31 19.66
C LEU E 51 2.57 -22.07 20.98
N ASP E 52 2.94 -21.43 22.08
CA ASP E 52 2.82 -22.04 23.42
C ASP E 52 1.37 -22.41 23.77
N ALA E 53 0.43 -21.56 23.36
CA ALA E 53 -1.00 -21.82 23.56
C ALA E 53 -1.50 -23.03 22.76
N GLN E 54 -0.95 -23.23 21.56
CA GLN E 54 -1.33 -24.35 20.69
C GLN E 54 -0.94 -25.70 21.27
N ASP E 55 0.35 -25.86 21.57
CA ASP E 55 0.87 -27.09 22.13
C ASP E 55 2.06 -26.80 23.03
N PRO E 56 1.82 -26.76 24.36
CA PRO E 56 2.85 -26.43 25.35
C PRO E 56 3.98 -27.46 25.45
N GLU E 57 3.75 -28.66 24.95
CA GLU E 57 4.70 -29.77 25.10
C GLU E 57 5.59 -30.00 23.88
N LYS E 58 5.41 -29.15 22.85
CA LYS E 58 6.10 -29.32 21.58
C LYS E 58 7.11 -28.19 21.38
N ASP E 59 8.34 -28.55 20.98
CA ASP E 59 9.42 -27.58 20.86
C ASP E 59 9.19 -26.49 19.82
N ILE E 60 9.81 -25.34 20.03
CA ILE E 60 9.73 -24.22 19.10
C ILE E 60 11.12 -23.95 18.53
N PHE E 61 11.18 -23.76 17.21
CA PHE E 61 12.46 -23.59 16.51
C PHE E 61 12.62 -22.13 16.07
N LEU E 62 13.51 -21.40 16.74
CA LEU E 62 13.73 -19.99 16.45
C LEU E 62 15.01 -19.78 15.65
N TYR E 63 14.86 -19.44 14.37
CA TYR E 63 16.01 -19.15 13.51
C TYR E 63 16.43 -17.70 13.62
N ILE E 64 17.71 -17.49 13.88
CA ILE E 64 18.23 -16.14 14.11
C ILE E 64 19.17 -15.75 12.97
N ASN E 65 18.85 -14.62 12.34
CA ASN E 65 19.74 -13.94 11.40
C ASN E 65 19.56 -12.44 11.56
N SER E 66 20.21 -11.88 12.58
CA SER E 66 19.95 -10.52 13.03
C SER E 66 21.22 -9.76 13.41
N PRO E 67 21.37 -8.52 12.92
CA PRO E 67 22.54 -7.72 13.29
C PRO E 67 22.44 -7.20 14.72
N GLY E 68 21.27 -7.36 15.34
CA GLY E 68 21.02 -6.93 16.71
C GLY E 68 19.88 -5.93 16.76
N GLY E 69 19.99 -4.94 17.64
CA GLY E 69 19.03 -3.85 17.72
C GLY E 69 18.80 -3.32 19.13
N SER E 70 17.56 -2.93 19.39
CA SER E 70 17.15 -2.36 20.69
C SER E 70 17.26 -3.37 21.83
N ILE E 71 17.95 -2.97 22.90
CA ILE E 71 18.21 -3.86 24.03
C ILE E 71 16.95 -4.30 24.78
N SER E 72 16.04 -3.36 25.05
CA SER E 72 14.81 -3.71 25.79
C SER E 72 13.85 -4.54 24.95
N ALA E 73 13.92 -4.35 23.63
CA ALA E 73 13.14 -5.14 22.68
C ALA E 73 13.58 -6.60 22.71
N GLY E 74 14.88 -6.81 22.60
CA GLY E 74 15.45 -8.16 22.66
C GLY E 74 15.16 -8.81 23.99
N MET E 75 15.19 -8.01 25.05
CA MET E 75 14.94 -8.49 26.40
C MET E 75 13.49 -8.96 26.56
N ALA E 76 12.58 -8.35 25.81
CA ALA E 76 11.19 -8.78 25.79
C ALA E 76 11.07 -10.17 25.17
N ILE E 77 11.79 -10.41 24.08
CA ILE E 77 11.81 -11.73 23.42
C ILE E 77 12.44 -12.75 24.36
N TYR E 78 13.56 -12.36 24.97
CA TYR E 78 14.29 -13.21 25.88
C TYR E 78 13.42 -13.70 27.02
N ASP E 79 12.71 -12.78 27.67
CA ASP E 79 11.86 -13.10 28.80
C ASP E 79 10.70 -14.00 28.38
N THR E 80 10.19 -13.78 27.18
CA THR E 80 9.08 -14.57 26.64
C THR E 80 9.55 -15.98 26.31
N MET E 81 10.79 -16.11 25.81
CA MET E 81 11.40 -17.41 25.59
C MET E 81 11.38 -18.21 26.89
N ASN E 82 11.78 -17.57 27.99
CA ASN E 82 11.70 -18.18 29.32
C ASN E 82 10.28 -18.29 29.88
N PHE E 83 9.40 -17.38 29.48
CA PHE E 83 8.03 -17.42 29.96
C PHE E 83 7.29 -18.68 29.49
N VAL E 84 7.39 -18.98 28.20
CA VAL E 84 6.64 -20.10 27.62
C VAL E 84 7.10 -21.45 28.16
N LYS E 85 6.19 -22.40 28.16
CA LYS E 85 6.45 -23.74 28.68
C LYS E 85 7.26 -24.53 27.66
N ALA E 86 6.94 -24.37 26.38
CA ALA E 86 7.66 -25.05 25.31
C ALA E 86 9.13 -24.64 25.26
N ASP E 87 9.99 -25.63 25.06
CA ASP E 87 11.41 -25.39 24.85
C ASP E 87 11.61 -24.64 23.54
N VAL E 88 12.45 -23.61 23.60
CA VAL E 88 12.77 -22.81 22.43
C VAL E 88 14.19 -23.11 21.95
N GLN E 89 14.29 -23.88 20.86
CA GLN E 89 15.58 -24.11 20.22
C GLN E 89 15.95 -22.89 19.39
N THR E 90 17.24 -22.59 19.35
CA THR E 90 17.75 -21.50 18.55
C THR E 90 18.75 -22.02 17.52
N ILE E 91 18.62 -21.56 16.28
CA ILE E 91 19.54 -21.94 15.21
C ILE E 91 20.07 -20.68 14.58
N GLY E 92 21.36 -20.44 14.74
CA GLY E 92 22.01 -19.27 14.17
C GLY E 92 22.48 -19.52 12.76
N MET E 93 22.10 -18.64 11.84
CA MET E 93 22.57 -18.68 10.46
C MET E 93 22.95 -17.29 9.99
N GLY E 94 23.80 -17.21 8.97
CA GLY E 94 24.25 -15.93 8.42
C GLY E 94 24.97 -15.11 9.46
N MET E 95 24.24 -14.28 10.19
CA MET E 95 24.84 -13.48 11.25
C MET E 95 23.98 -13.39 12.51
N ALA E 96 24.63 -13.60 13.65
CA ALA E 96 24.03 -13.36 14.95
C ALA E 96 24.98 -12.45 15.73
N ALA E 97 24.61 -11.17 15.81
CA ALA E 97 25.43 -10.17 16.49
C ALA E 97 24.63 -9.41 17.54
N SER E 98 25.32 -8.95 18.59
CA SER E 98 24.70 -8.24 19.70
C SER E 98 23.49 -9.02 20.21
N MET E 99 22.33 -8.36 20.21
CA MET E 99 21.08 -8.94 20.67
C MET E 99 20.67 -10.21 19.90
N GLY E 100 21.22 -10.35 18.70
CA GLY E 100 21.06 -11.58 17.92
C GLY E 100 21.78 -12.73 18.59
N SER E 101 23.06 -12.51 18.90
CA SER E 101 23.88 -13.53 19.55
C SER E 101 23.43 -13.83 20.99
N PHE E 102 22.83 -12.85 21.64
CA PHE E 102 22.34 -12.99 23.02
C PHE E 102 21.12 -13.88 23.05
N LEU E 103 20.22 -13.71 22.08
CA LEU E 103 19.01 -14.53 21.99
C LEU E 103 19.35 -15.95 21.59
N LEU E 104 20.41 -16.10 20.81
CA LEU E 104 20.93 -17.40 20.38
C LEU E 104 21.39 -18.25 21.57
N THR E 105 22.14 -17.63 22.48
CA THR E 105 22.63 -18.31 23.68
C THR E 105 21.47 -18.61 24.63
N ALA E 106 20.37 -17.89 24.45
CA ALA E 106 19.24 -18.00 25.36
C ALA E 106 18.33 -19.19 25.03
N GLY E 107 18.69 -19.94 23.99
CA GLY E 107 17.94 -21.13 23.60
C GLY E 107 17.98 -22.19 24.69
N ALA E 108 17.02 -23.11 24.65
CA ALA E 108 16.91 -24.17 25.66
C ALA E 108 18.18 -24.99 25.79
N ASN E 109 18.38 -25.58 26.97
CA ASN E 109 19.55 -26.44 27.25
C ASN E 109 19.81 -27.56 26.25
N GLY E 110 20.96 -27.48 25.59
CA GLY E 110 21.40 -28.50 24.66
C GLY E 110 20.75 -28.35 23.30
N LYS E 111 20.11 -27.21 23.08
CA LYS E 111 19.30 -27.01 21.88
C LYS E 111 19.58 -25.68 21.17
N ARG E 112 20.77 -25.16 21.39
CA ARG E 112 21.24 -23.97 20.68
C ARG E 112 22.19 -24.45 19.60
N PHE E 113 21.96 -23.99 18.37
CA PHE E 113 22.73 -24.50 17.24
C PHE E 113 23.20 -23.37 16.35
N ALA E 114 24.16 -23.68 15.48
CA ALA E 114 24.63 -22.76 14.47
C ALA E 114 24.98 -23.55 13.22
N LEU E 115 24.66 -22.99 12.06
CA LEU E 115 25.04 -23.59 10.80
C LEU E 115 26.54 -23.36 10.56
N PRO E 116 27.19 -24.25 9.77
CA PRO E 116 28.66 -24.29 9.67
C PRO E 116 29.36 -22.97 9.34
N ASN E 117 28.68 -22.05 8.67
CA ASN E 117 29.31 -20.81 8.23
C ASN E 117 28.77 -19.53 8.85
N ALA E 118 27.95 -19.68 9.89
CA ALA E 118 27.36 -18.54 10.59
C ALA E 118 28.41 -17.68 11.28
N GLU E 119 28.26 -16.36 11.18
CA GLU E 119 29.13 -15.40 11.84
C GLU E 119 28.49 -15.01 13.19
N ILE E 120 29.26 -15.11 14.26
CA ILE E 120 28.77 -14.72 15.57
C ILE E 120 29.64 -13.61 16.17
N MET E 121 28.98 -12.52 16.57
CA MET E 121 29.62 -11.40 17.28
C MET E 121 28.99 -11.22 18.65
N ILE E 122 29.81 -11.30 19.68
CA ILE E 122 29.33 -11.24 21.05
C ILE E 122 29.15 -9.80 21.51
N HIS E 123 29.83 -8.87 20.84
CA HIS E 123 29.82 -7.45 21.22
C HIS E 123 28.43 -6.87 21.33
N GLN E 124 28.12 -6.34 22.52
CA GLN E 124 26.86 -5.61 22.74
C GLN E 124 27.09 -4.14 23.06
N PRO E 125 26.78 -3.24 22.09
CA PRO E 125 27.11 -1.82 22.19
C PRO E 125 26.05 -0.96 22.89
N LEU E 126 26.21 0.37 22.79
CA LEU E 126 25.32 1.37 23.43
C LEU E 126 23.82 1.04 23.37
N GLY E 127 23.23 1.16 22.18
CA GLY E 127 21.86 0.70 21.92
C GLY E 127 20.69 1.56 22.38
N GLY E 128 20.99 2.69 23.03
CA GLY E 128 19.96 3.57 23.58
C GLY E 128 19.22 2.99 24.77
N ALA E 129 19.98 2.42 25.71
CA ALA E 129 19.44 1.67 26.85
C ALA E 129 18.79 2.56 27.92
N GLN E 130 19.07 3.86 27.87
CA GLN E 130 18.49 4.83 28.80
C GLN E 130 17.24 5.52 28.25
N GLY E 131 16.45 4.78 27.46
CA GLY E 131 15.17 5.26 26.92
C GLY E 131 15.06 6.75 26.65
N GLN E 132 14.26 7.43 27.45
CA GLN E 132 14.04 8.87 27.30
C GLN E 132 14.59 9.71 28.46
N ALA E 133 15.63 9.20 29.11
CA ALA E 133 16.28 9.92 30.21
C ALA E 133 17.18 11.04 29.70
N THR E 134 17.13 12.20 30.37
CA THR E 134 17.93 13.36 30.00
C THR E 134 18.93 13.79 31.09
N GLU E 135 18.91 13.07 32.21
CA GLU E 135 19.79 13.35 33.34
C GLU E 135 20.99 12.39 33.35
N ILE E 136 22.19 12.95 33.56
CA ILE E 136 23.46 12.22 33.43
C ILE E 136 23.67 11.09 34.45
N GLU E 137 23.42 11.37 35.73
CA GLU E 137 23.67 10.39 36.79
C GLU E 137 22.68 9.22 36.87
N ILE E 138 21.54 9.34 36.17
CA ILE E 138 20.61 8.23 36.06
C ILE E 138 20.96 7.37 34.83
N ALA E 139 21.07 8.03 33.68
CA ALA E 139 21.34 7.37 32.39
C ALA E 139 22.64 6.54 32.35
N ALA E 140 23.75 7.15 32.77
CA ALA E 140 25.05 6.48 32.81
C ALA E 140 25.05 5.30 33.77
N ARG E 141 24.46 5.48 34.94
CA ARG E 141 24.37 4.44 35.95
C ARG E 141 23.47 3.31 35.49
N HIS E 142 22.41 3.68 34.77
CA HIS E 142 21.46 2.71 34.26
C HIS E 142 22.07 1.86 33.19
N ILE E 143 22.84 2.46 32.29
CA ILE E 143 23.48 1.68 31.22
C ILE E 143 24.59 0.75 31.73
N LEU E 144 25.25 1.10 32.83
CA LEU E 144 26.15 0.17 33.51
C LEU E 144 25.37 -0.96 34.17
N LYS E 145 24.24 -0.63 34.76
CA LYS E 145 23.38 -1.62 35.41
C LYS E 145 22.80 -2.64 34.42
N ILE E 146 22.39 -2.17 33.24
CA ILE E 146 21.91 -3.06 32.19
C ILE E 146 23.04 -3.90 31.57
N LYS E 147 24.22 -3.30 31.41
CA LYS E 147 25.39 -4.01 30.89
C LYS E 147 25.79 -5.14 31.82
N GLU E 148 25.89 -4.83 33.12
CA GLU E 148 26.20 -5.82 34.13
C GLU E 148 25.20 -6.98 34.17
N ARG E 149 23.90 -6.69 34.07
CA ARG E 149 22.93 -7.79 34.19
C ARG E 149 22.85 -8.65 32.95
N MET E 150 23.25 -8.10 31.81
CA MET E 150 23.39 -8.86 30.57
C MET E 150 24.64 -9.74 30.59
N ASN E 151 25.76 -9.19 31.06
CA ASN E 151 26.97 -9.98 31.30
C ASN E 151 26.64 -11.19 32.17
N THR E 152 26.00 -10.93 33.30
CA THR E 152 25.58 -11.95 34.26
C THR E 152 24.72 -13.06 33.64
N ILE E 153 23.80 -12.70 32.75
CA ILE E 153 22.96 -13.70 32.11
C ILE E 153 23.80 -14.54 31.14
N MET E 154 24.63 -13.88 30.34
CA MET E 154 25.50 -14.58 29.40
C MET E 154 26.49 -15.51 30.08
N ALA E 155 27.10 -15.07 31.18
CA ALA E 155 27.96 -15.92 31.99
C ALA E 155 27.22 -17.18 32.43
N GLU E 156 25.97 -17.01 32.82
CA GLU E 156 25.15 -18.15 33.22
C GLU E 156 24.90 -19.11 32.05
N LYS E 157 24.62 -18.54 30.88
CA LYS E 157 24.23 -19.33 29.71
C LYS E 157 25.40 -19.94 28.93
N THR E 158 26.57 -19.32 29.00
CA THR E 158 27.77 -19.82 28.33
C THR E 158 28.61 -20.69 29.26
N GLY E 159 28.40 -20.55 30.56
CA GLY E 159 29.22 -21.22 31.55
C GLY E 159 30.52 -20.46 31.82
N GLN E 160 30.72 -19.35 31.11
CA GLN E 160 31.94 -18.57 31.25
C GLN E 160 31.94 -17.76 32.54
N PRO E 161 33.14 -17.48 33.11
CA PRO E 161 33.14 -16.55 34.25
C PRO E 161 32.70 -15.15 33.84
N TYR E 162 31.97 -14.48 34.73
CA TYR E 162 31.54 -13.10 34.50
C TYR E 162 32.67 -12.22 33.89
N GLU E 163 33.86 -12.27 34.47
CA GLU E 163 34.99 -11.49 34.01
C GLU E 163 35.29 -11.65 32.52
N VAL E 164 35.19 -12.89 32.04
CA VAL E 164 35.46 -13.20 30.63
C VAL E 164 34.38 -12.60 29.72
N ILE E 165 33.12 -12.79 30.10
CA ILE E 165 32.01 -12.16 29.39
C ILE E 165 32.15 -10.63 29.39
N ALA E 166 32.34 -10.06 30.57
CA ALA E 166 32.53 -8.61 30.73
C ALA E 166 33.62 -8.05 29.83
N ARG E 167 34.67 -8.83 29.63
CA ARG E 167 35.76 -8.41 28.75
C ARG E 167 35.36 -8.60 27.28
N ASP E 168 34.76 -9.74 26.97
CA ASP E 168 34.47 -10.11 25.58
C ASP E 168 33.32 -9.35 24.91
N THR E 169 32.27 -9.06 25.67
CA THR E 169 31.12 -8.33 25.12
C THR E 169 31.39 -6.84 24.90
N ASP E 170 32.54 -6.37 25.39
CA ASP E 170 32.88 -4.97 25.31
C ASP E 170 33.85 -4.68 24.16
N ARG E 171 34.01 -5.66 23.28
CA ARG E 171 34.87 -5.51 22.10
C ARG E 171 34.39 -6.30 20.88
N ASP E 172 34.77 -5.82 19.70
CA ASP E 172 34.41 -6.44 18.42
C ASP E 172 35.25 -7.68 18.17
N ASN E 173 34.62 -8.84 18.28
CA ASN E 173 35.27 -10.07 17.90
C ASN E 173 34.29 -10.97 17.17
N PHE E 174 34.75 -11.57 16.08
CA PHE E 174 33.96 -12.54 15.34
C PHE E 174 34.32 -13.93 15.81
N MET E 175 33.38 -14.85 15.69
CA MET E 175 33.64 -16.26 15.98
C MET E 175 33.08 -17.13 14.87
N THR E 176 33.80 -18.21 14.54
CA THR E 176 33.23 -19.26 13.72
C THR E 176 32.25 -20.05 14.60
N ALA E 177 31.35 -20.79 13.97
CA ALA E 177 30.41 -21.65 14.69
C ALA E 177 31.14 -22.63 15.61
N GLN E 178 32.35 -23.02 15.22
CA GLN E 178 33.18 -23.92 16.01
C GLN E 178 33.69 -23.24 17.28
N GLU E 179 34.16 -22.01 17.14
CA GLU E 179 34.64 -21.26 18.29
C GLU E 179 33.48 -20.96 19.25
N ALA E 180 32.29 -20.75 18.69
CA ALA E 180 31.07 -20.56 19.48
C ALA E 180 30.74 -21.77 20.34
N LYS E 181 30.98 -22.97 19.81
CA LYS E 181 30.80 -24.22 20.54
C LYS E 181 31.81 -24.38 21.67
N ASP E 182 33.08 -24.12 21.37
CA ASP E 182 34.15 -24.15 22.35
C ASP E 182 33.96 -23.11 23.48
N TYR E 183 33.26 -22.02 23.18
CA TYR E 183 33.02 -20.94 24.13
C TYR E 183 31.89 -21.23 25.13
N GLY E 184 30.95 -22.08 24.74
CA GLY E 184 29.77 -22.37 25.54
C GLY E 184 28.56 -21.60 25.05
N LEU E 185 28.74 -20.88 23.94
CA LEU E 185 27.67 -20.12 23.30
C LEU E 185 26.59 -21.00 22.69
N ILE E 186 27.02 -22.00 21.90
CA ILE E 186 26.09 -22.94 21.29
C ILE E 186 26.44 -24.34 21.74
N ASP E 187 25.48 -25.24 21.61
CA ASP E 187 25.64 -26.63 22.02
C ASP E 187 26.23 -27.48 20.90
N ASP E 188 25.92 -27.14 19.65
CA ASP E 188 26.41 -27.92 18.51
C ASP E 188 26.31 -27.20 17.17
N ILE E 189 27.09 -27.67 16.20
CA ILE E 189 26.98 -27.23 14.83
C ILE E 189 26.14 -28.27 14.09
N ILE E 190 24.99 -27.86 13.56
CA ILE E 190 24.19 -28.73 12.71
C ILE E 190 24.60 -28.56 11.25
N ILE E 191 24.94 -29.67 10.60
CA ILE E 191 25.41 -29.62 9.22
C ILE E 191 24.38 -30.19 8.23
N ASN E 192 23.68 -31.26 8.62
CA ASN E 192 22.80 -31.99 7.69
C ASN E 192 21.38 -32.29 8.18
N LYS E 193 20.68 -33.16 7.44
CA LYS E 193 19.32 -33.64 7.78
C LYS E 193 18.25 -32.56 7.65
N LEU F 3 6.81 -7.92 8.52
CA LEU F 3 5.91 -9.10 8.34
C LEU F 3 5.08 -9.41 9.59
N ILE F 4 3.78 -9.55 9.40
CA ILE F 4 2.87 -10.04 10.43
C ILE F 4 2.23 -11.31 9.90
N PRO F 5 2.54 -12.47 10.53
CA PRO F 5 2.08 -13.77 10.02
C PRO F 5 0.56 -13.92 10.10
N THR F 6 0.02 -14.75 9.20
CA THR F 6 -1.44 -14.86 9.02
C THR F 6 -2.01 -16.26 9.31
N VAL F 7 -2.15 -16.59 10.59
CA VAL F 7 -2.71 -17.87 11.08
C VAL F 7 -4.07 -18.21 10.46
N ILE F 8 -4.32 -19.51 10.25
CA ILE F 8 -5.64 -20.02 9.87
C ILE F 8 -6.09 -21.07 10.88
N GLU F 9 -7.39 -21.03 11.24
CA GLU F 9 -7.93 -21.98 12.21
C GLU F 9 -8.89 -22.98 11.58
N ALA F 17 -8.89 -17.17 8.44
CA ALA F 17 -8.00 -16.08 8.08
C ALA F 17 -7.79 -15.09 9.24
N TYR F 18 -6.61 -15.14 9.85
CA TYR F 18 -6.25 -14.24 10.95
C TYR F 18 -4.90 -13.59 10.67
N ASP F 19 -4.58 -12.53 11.40
CA ASP F 19 -3.18 -12.18 11.61
C ASP F 19 -2.86 -12.54 13.06
N ILE F 20 -1.59 -12.50 13.43
CA ILE F 20 -1.16 -13.06 14.72
C ILE F 20 -1.84 -12.43 15.95
N TYR F 21 -2.03 -11.11 15.92
CA TYR F 21 -2.62 -10.37 17.04
C TYR F 21 -4.10 -10.65 17.15
N SER F 22 -4.74 -10.88 16.01
CA SER F 22 -6.14 -11.25 15.94
C SER F 22 -6.37 -12.63 16.51
N ARG F 23 -5.40 -13.52 16.29
CA ARG F 23 -5.46 -14.87 16.83
C ARG F 23 -5.29 -14.84 18.35
N LEU F 24 -4.38 -13.98 18.82
CA LEU F 24 -4.22 -13.72 20.25
C LEU F 24 -5.46 -13.06 20.86
N LEU F 25 -6.13 -12.24 20.07
CA LEU F 25 -7.34 -11.57 20.51
C LEU F 25 -8.46 -12.58 20.80
N LYS F 26 -8.48 -13.67 20.03
CA LYS F 26 -9.42 -14.76 20.27
C LYS F 26 -9.15 -15.44 21.60
N ASP F 27 -7.93 -15.28 22.11
CA ASP F 27 -7.56 -15.78 23.44
C ASP F 27 -7.52 -14.67 24.49
N ARG F 28 -8.16 -13.53 24.17
CA ARG F 28 -8.30 -12.39 25.09
C ARG F 28 -6.96 -11.69 25.44
N ILE F 29 -6.02 -11.72 24.50
CA ILE F 29 -4.73 -11.07 24.67
C ILE F 29 -4.67 -9.80 23.80
N ILE F 30 -4.37 -8.67 24.44
CA ILE F 30 -4.20 -7.40 23.72
C ILE F 30 -2.73 -6.98 23.79
N MET F 31 -2.14 -6.75 22.63
CA MET F 31 -0.75 -6.33 22.54
C MET F 31 -0.63 -4.82 22.37
N LEU F 32 -0.18 -4.15 23.42
CA LEU F 32 0.13 -2.72 23.34
C LEU F 32 1.64 -2.57 23.25
N GLY F 33 2.14 -2.45 22.02
CA GLY F 33 3.59 -2.49 21.79
C GLY F 33 4.26 -1.32 21.11
N SER F 34 3.65 -0.14 21.19
CA SER F 34 4.21 1.05 20.54
C SER F 34 3.88 2.31 21.32
N ALA F 35 4.42 3.44 20.88
CA ALA F 35 4.09 4.73 21.48
C ALA F 35 2.59 4.96 21.41
N ILE F 36 2.02 5.42 22.52
CA ILE F 36 0.59 5.65 22.63
C ILE F 36 0.22 6.98 21.99
N ASP F 37 -0.49 6.89 20.86
CA ASP F 37 -1.12 8.06 20.24
C ASP F 37 -2.61 7.77 20.07
N ASP F 38 -3.32 8.62 19.34
CA ASP F 38 -4.77 8.49 19.21
C ASP F 38 -5.22 7.24 18.46
N ASN F 39 -4.45 6.82 17.46
CA ASN F 39 -4.75 5.59 16.71
C ASN F 39 -4.61 4.36 17.57
N VAL F 40 -3.49 4.27 18.27
CA VAL F 40 -3.23 3.20 19.23
C VAL F 40 -4.35 3.20 20.28
N ALA F 41 -4.63 4.35 20.86
CA ALA F 41 -5.67 4.47 21.88
C ALA F 41 -7.03 3.96 21.37
N ASN F 42 -7.43 4.42 20.19
CA ASN F 42 -8.65 3.95 19.55
C ASN F 42 -8.69 2.43 19.37
N SER F 43 -7.56 1.87 18.93
CA SER F 43 -7.40 0.45 18.72
C SER F 43 -7.62 -0.33 20.01
N ILE F 44 -6.84 -0.02 21.05
CA ILE F 44 -6.91 -0.73 22.33
C ILE F 44 -8.33 -0.67 22.91
N VAL F 45 -8.92 0.53 22.91
CA VAL F 45 -10.26 0.75 23.46
C VAL F 45 -11.29 -0.16 22.80
N SER F 46 -11.24 -0.21 21.47
CA SER F 46 -12.14 -1.03 20.67
C SER F 46 -11.95 -2.51 20.97
N GLN F 47 -10.69 -2.92 21.14
CA GLN F 47 -10.35 -4.28 21.54
C GLN F 47 -10.94 -4.64 22.90
N LEU F 48 -10.85 -3.71 23.87
CA LEU F 48 -11.40 -3.89 25.21
C LEU F 48 -12.93 -3.90 25.21
N LEU F 49 -13.51 -3.07 24.35
CA LEU F 49 -14.95 -2.95 24.24
C LEU F 49 -15.52 -4.23 23.63
N PHE F 50 -14.83 -4.75 22.63
CA PHE F 50 -15.19 -5.99 21.95
C PHE F 50 -15.11 -7.22 22.85
N LEU F 51 -14.01 -7.32 23.61
CA LEU F 51 -13.80 -8.47 24.48
C LEU F 51 -14.80 -8.53 25.63
N ASP F 52 -15.12 -7.36 26.18
CA ASP F 52 -16.11 -7.27 27.27
C ASP F 52 -17.52 -7.65 26.80
N ALA F 53 -17.83 -7.33 25.55
CA ALA F 53 -19.13 -7.70 24.96
C ALA F 53 -19.23 -9.20 24.65
N GLN F 54 -18.09 -9.83 24.38
CA GLN F 54 -18.03 -11.27 24.09
C GLN F 54 -18.26 -12.13 25.34
N ASP F 55 -17.56 -11.81 26.42
CA ASP F 55 -17.71 -12.52 27.69
C ASP F 55 -17.23 -11.64 28.84
N PRO F 56 -18.18 -11.00 29.56
CA PRO F 56 -17.85 -10.07 30.64
C PRO F 56 -17.26 -10.76 31.87
N GLU F 57 -17.38 -12.09 31.91
CA GLU F 57 -16.96 -12.88 33.07
C GLU F 57 -15.48 -13.26 32.99
N LYS F 58 -14.99 -13.41 31.76
CA LYS F 58 -13.61 -13.83 31.52
C LYS F 58 -12.65 -12.65 31.51
N ASP F 59 -11.48 -12.83 32.12
CA ASP F 59 -10.46 -11.79 32.21
C ASP F 59 -9.84 -11.44 30.85
N ILE F 60 -9.22 -10.26 30.80
CA ILE F 60 -8.51 -9.79 29.62
C ILE F 60 -7.04 -9.60 29.98
N PHE F 61 -6.15 -10.01 29.06
CA PHE F 61 -4.71 -9.95 29.28
C PHE F 61 -4.05 -8.87 28.43
N LEU F 62 -3.62 -7.78 29.08
CA LEU F 62 -2.99 -6.66 28.37
C LEU F 62 -1.46 -6.61 28.55
N TYR F 63 -0.76 -7.03 27.50
CA TYR F 63 0.70 -6.99 27.47
C TYR F 63 1.18 -5.60 27.12
N ILE F 64 2.11 -5.08 27.92
CA ILE F 64 2.59 -3.72 27.71
C ILE F 64 4.09 -3.65 27.40
N ASN F 65 4.40 -3.06 26.25
CA ASN F 65 5.77 -2.76 25.87
C ASN F 65 5.73 -1.41 25.15
N SER F 66 5.82 -0.33 25.92
CA SER F 66 5.60 1.01 25.38
C SER F 66 6.42 2.12 26.06
N PRO F 67 7.07 3.00 25.27
CA PRO F 67 7.80 4.15 25.78
C PRO F 67 6.89 5.28 26.32
N GLY F 68 5.57 5.12 26.14
CA GLY F 68 4.60 6.11 26.57
C GLY F 68 4.00 6.89 25.42
N GLY F 69 3.55 8.11 25.70
CA GLY F 69 2.96 8.98 24.68
C GLY F 69 1.93 9.96 25.21
N SER F 70 1.02 10.36 24.33
CA SER F 70 -0.07 11.29 24.63
C SER F 70 -0.89 10.91 25.87
N ILE F 71 -0.92 11.81 26.85
CA ILE F 71 -1.59 11.57 28.13
C ILE F 71 -3.12 11.36 27.98
N SER F 72 -3.77 12.18 27.15
CA SER F 72 -5.22 12.04 26.96
C SER F 72 -5.60 10.73 26.26
N ALA F 73 -4.74 10.29 25.34
CA ALA F 73 -4.94 9.03 24.63
C ALA F 73 -4.88 7.85 25.60
N GLY F 74 -3.84 7.82 26.42
CA GLY F 74 -3.66 6.75 27.40
C GLY F 74 -4.76 6.74 28.45
N MET F 75 -5.31 7.93 28.71
CA MET F 75 -6.35 8.11 29.70
C MET F 75 -7.68 7.56 29.19
N ALA F 76 -7.87 7.63 27.88
CA ALA F 76 -9.00 6.99 27.24
C ALA F 76 -8.92 5.48 27.48
N ILE F 77 -7.71 4.93 27.35
CA ILE F 77 -7.46 3.52 27.61
C ILE F 77 -7.76 3.21 29.07
N TYR F 78 -7.18 4.00 29.96
CA TYR F 78 -7.34 3.82 31.39
C TYR F 78 -8.80 3.80 31.82
N ASP F 79 -9.59 4.74 31.30
CA ASP F 79 -10.99 4.85 31.64
C ASP F 79 -11.77 3.64 31.14
N THR F 80 -11.36 3.12 29.98
CA THR F 80 -12.02 1.98 29.36
C THR F 80 -11.64 0.67 30.06
N MET F 81 -10.42 0.63 30.60
CA MET F 81 -10.00 -0.46 31.44
C MET F 81 -10.90 -0.58 32.67
N ASN F 82 -11.35 0.55 33.21
CA ASN F 82 -12.27 0.57 34.36
C ASN F 82 -13.74 0.42 33.98
N PHE F 83 -14.11 0.96 32.82
CA PHE F 83 -15.47 0.90 32.33
C PHE F 83 -15.93 -0.55 32.12
N VAL F 84 -15.05 -1.39 31.60
CA VAL F 84 -15.40 -2.78 31.29
C VAL F 84 -15.68 -3.58 32.55
N LYS F 85 -16.54 -4.59 32.43
CA LYS F 85 -16.92 -5.44 33.55
C LYS F 85 -15.81 -6.44 33.89
N ALA F 86 -15.15 -6.94 32.85
CA ALA F 86 -14.07 -7.92 32.98
C ALA F 86 -12.81 -7.36 33.64
N ASP F 87 -12.12 -8.20 34.41
CA ASP F 87 -10.85 -7.84 35.01
C ASP F 87 -9.75 -7.73 33.96
N VAL F 88 -8.98 -6.65 34.03
CA VAL F 88 -7.90 -6.41 33.07
C VAL F 88 -6.55 -6.60 33.73
N GLN F 89 -5.91 -7.71 33.38
CA GLN F 89 -4.56 -7.99 33.85
C GLN F 89 -3.56 -7.30 32.94
N THR F 90 -2.51 -6.75 33.54
CA THR F 90 -1.42 -6.12 32.81
C THR F 90 -0.13 -6.88 33.04
N ILE F 91 0.56 -7.18 31.95
CA ILE F 91 1.85 -7.83 31.98
C ILE F 91 2.83 -6.91 31.27
N GLY F 92 3.65 -6.20 32.03
CA GLY F 92 4.67 -5.33 31.45
C GLY F 92 5.85 -6.15 30.97
N MET F 93 6.29 -5.87 29.75
CA MET F 93 7.49 -6.52 29.19
C MET F 93 8.33 -5.53 28.40
N GLY F 94 9.64 -5.79 28.35
CA GLY F 94 10.58 -4.93 27.63
C GLY F 94 10.77 -3.59 28.31
N MET F 95 9.90 -2.64 27.97
CA MET F 95 9.89 -1.32 28.59
C MET F 95 8.46 -0.87 28.87
N ALA F 96 8.24 -0.32 30.06
CA ALA F 96 6.98 0.33 30.41
C ALA F 96 7.30 1.69 31.00
N ALA F 97 7.22 2.73 30.16
CA ALA F 97 7.63 4.07 30.55
C ALA F 97 6.49 5.06 30.42
N SER F 98 6.43 6.00 31.35
CA SER F 98 5.40 7.05 31.36
C SER F 98 4.00 6.45 31.36
N MET F 99 3.21 6.79 30.35
CA MET F 99 1.85 6.31 30.24
C MET F 99 1.79 4.77 30.28
N GLY F 100 2.78 4.13 29.66
CA GLY F 100 2.95 2.68 29.74
C GLY F 100 3.03 2.16 31.16
N SER F 101 3.88 2.78 31.97
CA SER F 101 4.02 2.40 33.38
C SER F 101 2.77 2.76 34.18
N PHE F 102 2.04 3.78 33.72
CA PHE F 102 0.80 4.21 34.35
C PHE F 102 -0.31 3.18 34.11
N LEU F 103 -0.46 2.72 32.88
CA LEU F 103 -1.49 1.76 32.52
C LEU F 103 -1.20 0.38 33.10
N LEU F 104 0.07 0.10 33.32
CA LEU F 104 0.50 -1.12 33.98
C LEU F 104 -0.05 -1.16 35.41
N THR F 105 0.19 -0.09 36.16
CA THR F 105 -0.26 0.06 37.54
C THR F 105 -1.79 0.13 37.63
N ALA F 106 -2.43 0.53 36.53
CA ALA F 106 -3.87 0.70 36.47
C ALA F 106 -4.63 -0.63 36.39
N GLY F 107 -3.91 -1.72 36.13
CA GLY F 107 -4.49 -3.05 36.02
C GLY F 107 -5.19 -3.51 37.29
N ALA F 108 -6.04 -4.52 37.16
CA ALA F 108 -6.84 -5.04 38.28
C ALA F 108 -5.99 -5.49 39.47
N ASN F 109 -6.55 -5.37 40.68
CA ASN F 109 -5.85 -5.75 41.91
C ASN F 109 -5.39 -7.21 41.96
N GLY F 110 -4.14 -7.40 42.37
CA GLY F 110 -3.53 -8.73 42.43
C GLY F 110 -3.15 -9.26 41.06
N LYS F 111 -3.44 -8.49 40.01
CA LYS F 111 -3.28 -8.98 38.65
C LYS F 111 -2.43 -8.06 37.77
N ARG F 112 -1.44 -7.42 38.39
CA ARG F 112 -0.48 -6.58 37.70
C ARG F 112 0.90 -7.22 37.78
N PHE F 113 1.46 -7.57 36.62
CA PHE F 113 2.70 -8.33 36.56
C PHE F 113 3.77 -7.68 35.68
N ALA F 114 5.02 -8.06 35.91
CA ALA F 114 6.11 -7.71 34.99
C ALA F 114 7.04 -8.89 34.81
N LEU F 115 7.51 -9.09 33.58
CA LEU F 115 8.51 -10.10 33.31
C LEU F 115 9.87 -9.69 33.92
N PRO F 116 10.68 -10.67 34.33
CA PRO F 116 11.84 -10.42 35.20
C PRO F 116 12.82 -9.32 34.76
N ASN F 117 12.88 -9.03 33.47
CA ASN F 117 13.87 -8.07 32.95
C ASN F 117 13.26 -6.86 32.26
N ALA F 118 12.03 -6.52 32.64
CA ALA F 118 11.37 -5.31 32.16
C ALA F 118 11.95 -4.08 32.84
N GLU F 119 12.20 -3.04 32.03
CA GLU F 119 12.60 -1.73 32.55
C GLU F 119 11.34 -0.90 32.78
N ILE F 120 11.24 -0.30 33.96
CA ILE F 120 10.06 0.49 34.33
C ILE F 120 10.42 1.94 34.73
N MET F 121 9.85 2.90 34.00
CA MET F 121 10.04 4.33 34.27
C MET F 121 8.75 4.99 34.72
N ILE F 122 8.75 5.55 35.93
CA ILE F 122 7.56 6.16 36.51
C ILE F 122 7.35 7.59 35.98
N HIS F 123 8.45 8.18 35.51
CA HIS F 123 8.48 9.56 35.04
C HIS F 123 7.48 9.87 33.97
N GLN F 124 6.61 10.83 34.26
CA GLN F 124 5.68 11.36 33.27
C GLN F 124 6.08 12.80 32.90
N PRO F 125 6.72 12.99 31.73
CA PRO F 125 7.14 14.32 31.27
C PRO F 125 6.00 15.11 30.60
N LEU F 126 6.36 16.27 30.02
CA LEU F 126 5.41 17.24 29.42
C LEU F 126 4.29 16.61 28.58
N GLY F 127 4.65 16.07 27.42
CA GLY F 127 3.70 15.36 26.56
C GLY F 127 2.89 16.24 25.63
N GLY F 128 2.32 17.32 26.20
CA GLY F 128 1.43 18.21 25.46
C GLY F 128 -0.01 18.07 25.95
N ALA F 129 -0.15 18.02 27.27
CA ALA F 129 -1.44 17.80 27.93
C ALA F 129 -2.44 18.95 27.72
N GLN F 130 -1.91 20.13 27.39
CA GLN F 130 -2.75 21.30 27.14
C GLN F 130 -3.17 21.47 25.67
N GLY F 131 -3.45 20.34 25.00
CA GLY F 131 -3.98 20.31 23.64
C GLY F 131 -3.52 21.44 22.72
N GLN F 132 -4.49 22.24 22.26
CA GLN F 132 -4.21 23.36 21.36
C GLN F 132 -4.55 24.70 22.01
N ALA F 133 -4.11 24.86 23.27
CA ALA F 133 -4.32 26.10 24.00
C ALA F 133 -3.15 27.08 23.80
N THR F 134 -3.49 28.33 23.52
CA THR F 134 -2.50 29.39 23.25
C THR F 134 -2.27 30.26 24.49
N GLU F 135 -3.30 30.39 25.32
CA GLU F 135 -3.25 31.16 26.57
C GLU F 135 -2.43 30.42 27.63
N ILE F 136 -1.46 31.13 28.21
CA ILE F 136 -0.57 30.57 29.24
C ILE F 136 -1.30 30.20 30.53
N GLU F 137 -2.19 31.09 30.98
CA GLU F 137 -2.93 30.92 32.23
C GLU F 137 -3.74 29.63 32.36
N ILE F 138 -4.43 29.25 31.28
CA ILE F 138 -5.21 28.02 31.26
C ILE F 138 -4.30 26.80 31.06
N ALA F 139 -3.36 26.91 30.12
CA ALA F 139 -2.46 25.80 29.74
C ALA F 139 -1.57 25.31 30.87
N ALA F 140 -0.94 26.23 31.57
CA ALA F 140 -0.02 25.90 32.67
C ALA F 140 -0.77 25.38 33.88
N ARG F 141 -1.93 25.97 34.16
CA ARG F 141 -2.78 25.52 35.27
C ARG F 141 -3.37 24.15 34.99
N HIS F 142 -3.66 23.86 33.72
CA HIS F 142 -4.28 22.60 33.34
C HIS F 142 -3.34 21.43 33.47
N ILE F 143 -2.07 21.64 33.11
CA ILE F 143 -1.08 20.55 33.19
C ILE F 143 -0.72 20.20 34.64
N LEU F 144 -0.81 21.19 35.53
CA LEU F 144 -0.66 20.96 36.97
C LEU F 144 -1.85 20.19 37.52
N LYS F 145 -3.03 20.49 37.00
CA LYS F 145 -4.28 19.86 37.43
C LYS F 145 -4.28 18.39 37.00
N ILE F 146 -3.82 18.13 35.78
CA ILE F 146 -3.75 16.77 35.25
C ILE F 146 -2.57 15.98 35.85
N LYS F 147 -1.52 16.70 36.24
CA LYS F 147 -0.39 16.12 36.95
C LYS F 147 -0.83 15.63 38.33
N GLU F 148 -1.48 16.52 39.07
CA GLU F 148 -1.99 16.22 40.40
C GLU F 148 -2.97 15.06 40.34
N ARG F 149 -3.87 15.10 39.37
CA ARG F 149 -4.93 14.10 39.23
C ARG F 149 -4.40 12.72 38.80
N MET F 150 -3.25 12.70 38.14
CA MET F 150 -2.55 11.43 37.87
C MET F 150 -1.73 10.93 39.06
N ASN F 151 -1.06 11.85 39.76
CA ASN F 151 -0.37 11.51 41.01
C ASN F 151 -1.31 10.85 42.02
N THR F 152 -2.56 11.31 42.04
CA THR F 152 -3.55 10.79 42.97
C THR F 152 -3.91 9.36 42.62
N ILE F 153 -4.20 9.11 41.33
CA ILE F 153 -4.56 7.77 40.87
C ILE F 153 -3.42 6.79 41.14
N MET F 154 -2.19 7.24 40.92
CA MET F 154 -1.01 6.42 41.21
C MET F 154 -0.85 6.11 42.71
N ALA F 155 -1.04 7.12 43.56
CA ALA F 155 -0.96 6.92 45.00
C ALA F 155 -1.98 5.89 45.52
N GLU F 156 -3.19 5.93 44.97
CA GLU F 156 -4.24 4.97 45.34
C GLU F 156 -3.88 3.54 44.93
N LYS F 157 -3.33 3.39 43.72
CA LYS F 157 -2.98 2.08 43.16
C LYS F 157 -1.70 1.47 43.74
N THR F 158 -0.72 2.30 44.07
CA THR F 158 0.56 1.82 44.62
C THR F 158 0.56 1.72 46.14
N GLY F 159 -0.34 2.45 46.79
CA GLY F 159 -0.36 2.55 48.26
C GLY F 159 0.64 3.54 48.81
N GLN F 160 1.47 4.11 47.93
CA GLN F 160 2.48 5.10 48.31
C GLN F 160 1.82 6.43 48.64
N PRO F 161 2.39 7.17 49.62
CA PRO F 161 1.84 8.47 50.01
C PRO F 161 1.97 9.48 48.87
N TYR F 162 0.91 10.28 48.67
CA TYR F 162 0.81 11.23 47.55
C TYR F 162 2.09 12.02 47.29
N GLU F 163 2.75 12.46 48.36
CA GLU F 163 3.93 13.29 48.23
C GLU F 163 5.13 12.54 47.64
N VAL F 164 5.20 11.23 47.88
CA VAL F 164 6.27 10.39 47.31
C VAL F 164 6.09 10.19 45.80
N ILE F 165 4.87 9.80 45.39
CA ILE F 165 4.53 9.64 43.98
C ILE F 165 4.85 10.91 43.19
N ALA F 166 4.41 12.05 43.71
CA ALA F 166 4.65 13.36 43.10
C ALA F 166 6.14 13.70 42.96
N ARG F 167 6.95 13.21 43.88
CA ARG F 167 8.39 13.41 43.82
C ARG F 167 9.05 12.49 42.80
N ASP F 168 8.50 11.28 42.63
CA ASP F 168 9.13 10.24 41.81
C ASP F 168 8.70 10.26 40.35
N THR F 169 7.51 10.80 40.07
CA THR F 169 7.00 10.90 38.70
C THR F 169 7.51 12.16 38.00
N ASP F 170 8.13 13.05 38.77
CA ASP F 170 8.63 14.29 38.21
C ASP F 170 10.11 14.21 37.84
N ARG F 171 10.72 13.03 38.02
CA ARG F 171 12.14 12.83 37.70
C ARG F 171 12.45 11.50 36.98
N ASP F 172 13.52 11.52 36.18
CA ASP F 172 13.99 10.33 35.46
C ASP F 172 14.46 9.23 36.41
N ASN F 173 13.76 8.12 36.37
CA ASN F 173 13.92 7.06 37.36
C ASN F 173 13.69 5.68 36.71
N PHE F 174 14.68 4.80 36.81
CA PHE F 174 14.57 3.44 36.27
C PHE F 174 14.37 2.41 37.37
N MET F 175 13.40 1.52 37.17
CA MET F 175 13.14 0.46 38.13
C MET F 175 13.21 -0.92 37.50
N THR F 176 13.80 -1.85 38.24
CA THR F 176 13.74 -3.27 37.89
C THR F 176 12.39 -3.82 38.32
N ALA F 177 12.06 -5.03 37.86
CA ALA F 177 10.80 -5.66 38.22
C ALA F 177 10.68 -5.87 39.74
N GLN F 178 11.80 -6.13 40.40
CA GLN F 178 11.79 -6.32 41.85
C GLN F 178 11.54 -5.00 42.58
N GLU F 179 12.21 -3.94 42.13
CA GLU F 179 12.01 -2.62 42.72
C GLU F 179 10.57 -2.13 42.55
N ALA F 180 9.99 -2.41 41.39
CA ALA F 180 8.61 -2.02 41.09
C ALA F 180 7.58 -2.78 41.91
N LYS F 181 7.91 -4.00 42.32
CA LYS F 181 7.07 -4.80 43.20
C LYS F 181 7.07 -4.21 44.61
N ASP F 182 8.26 -3.88 45.11
CA ASP F 182 8.43 -3.24 46.42
C ASP F 182 7.65 -1.94 46.53
N TYR F 183 7.71 -1.15 45.46
CA TYR F 183 7.08 0.16 45.38
C TYR F 183 5.56 0.08 45.28
N GLY F 184 5.04 -1.04 44.79
CA GLY F 184 3.60 -1.21 44.64
C GLY F 184 3.09 -0.92 43.24
N LEU F 185 3.99 -0.82 42.27
CA LEU F 185 3.59 -0.65 40.87
C LEU F 185 2.97 -1.94 40.32
N ILE F 186 3.64 -3.07 40.55
CA ILE F 186 3.12 -4.38 40.17
C ILE F 186 2.89 -5.23 41.41
N ASP F 187 2.08 -6.27 41.27
CA ASP F 187 1.77 -7.17 42.38
C ASP F 187 2.79 -8.31 42.50
N ASP F 188 3.25 -8.81 41.35
CA ASP F 188 4.19 -9.93 41.31
C ASP F 188 5.03 -9.95 40.03
N ILE F 189 6.19 -10.59 40.11
CA ILE F 189 7.03 -10.87 38.94
C ILE F 189 6.74 -12.30 38.49
N ILE F 190 6.34 -12.46 37.22
CA ILE F 190 6.10 -13.79 36.67
C ILE F 190 7.27 -14.26 35.80
N ILE F 191 7.79 -15.44 36.08
CA ILE F 191 8.94 -15.98 35.35
C ILE F 191 8.48 -17.05 34.36
N ASN F 192 7.54 -17.89 34.78
CA ASN F 192 7.17 -19.10 34.03
C ASN F 192 5.68 -19.29 33.71
N LYS F 193 5.35 -20.48 33.21
CA LYS F 193 3.98 -20.92 32.87
C LYS F 193 3.51 -20.39 31.50
N LEU G 3 -1.52 -1.17 12.87
CA LEU G 3 -2.20 -2.50 12.82
C LEU G 3 -3.63 -2.47 13.38
N ILE G 4 -4.58 -2.93 12.57
CA ILE G 4 -5.97 -3.06 12.98
C ILE G 4 -6.38 -4.53 12.92
N PRO G 5 -6.76 -5.12 14.08
CA PRO G 5 -6.97 -6.57 14.18
C PRO G 5 -8.23 -7.06 13.46
N THR G 6 -8.28 -8.35 13.15
CA THR G 6 -9.37 -8.90 12.36
C THR G 6 -10.12 -10.07 13.01
N VAL G 7 -11.23 -9.75 13.68
CA VAL G 7 -12.15 -10.74 14.25
C VAL G 7 -12.83 -11.58 13.15
N ILE G 8 -13.00 -12.88 13.40
CA ILE G 8 -13.86 -13.70 12.53
C ILE G 8 -15.10 -14.14 13.29
N GLU G 9 -16.27 -13.81 12.73
CA GLU G 9 -17.55 -14.17 13.33
C GLU G 9 -17.91 -15.63 13.04
N ALA G 17 -15.23 -12.23 8.62
CA ALA G 17 -13.96 -11.51 8.52
C ALA G 17 -14.15 -9.98 8.59
N TYR G 18 -14.09 -9.45 9.81
CA TYR G 18 -14.21 -8.01 10.06
C TYR G 18 -12.88 -7.46 10.55
N ASP G 19 -12.65 -6.16 10.37
CA ASP G 19 -11.64 -5.49 11.20
C ASP G 19 -12.34 -5.07 12.50
N ILE G 20 -11.58 -4.63 13.50
CA ILE G 20 -12.15 -4.39 14.84
C ILE G 20 -13.31 -3.38 14.84
N TYR G 21 -13.14 -2.28 14.09
CA TYR G 21 -14.17 -1.24 14.01
C TYR G 21 -15.47 -1.75 13.38
N SER G 22 -15.34 -2.60 12.37
CA SER G 22 -16.50 -3.18 11.69
C SER G 22 -17.28 -4.14 12.58
N ARG G 23 -16.59 -4.76 13.52
CA ARG G 23 -17.23 -5.64 14.49
C ARG G 23 -18.04 -4.84 15.51
N LEU G 24 -17.48 -3.71 15.93
CA LEU G 24 -18.17 -2.79 16.81
C LEU G 24 -19.34 -2.13 16.10
N LEU G 25 -19.21 -1.95 14.78
CA LEU G 25 -20.28 -1.38 13.97
C LEU G 25 -21.52 -2.27 13.95
N LYS G 26 -21.31 -3.57 14.11
CA LYS G 26 -22.39 -4.56 14.13
C LYS G 26 -23.19 -4.49 15.44
N ASP G 27 -22.55 -3.96 16.48
CA ASP G 27 -23.22 -3.69 17.75
C ASP G 27 -23.57 -2.20 17.86
N ARG G 28 -23.69 -1.54 16.71
CA ARG G 28 -24.15 -0.14 16.58
C ARG G 28 -23.25 0.94 17.23
N ILE G 29 -21.96 0.62 17.33
CA ILE G 29 -20.98 1.52 17.90
C ILE G 29 -20.19 2.19 16.77
N ILE G 30 -20.17 3.52 16.76
CA ILE G 30 -19.36 4.27 15.80
C ILE G 30 -18.20 4.94 16.53
N MET G 31 -16.97 4.68 16.09
CA MET G 31 -15.79 5.26 16.72
C MET G 31 -15.29 6.45 15.93
N LEU G 32 -15.37 7.64 16.52
CA LEU G 32 -14.79 8.83 15.93
C LEU G 32 -13.54 9.19 16.74
N GLY G 33 -12.37 8.87 16.19
CA GLY G 33 -11.14 8.98 16.95
C GLY G 33 -10.00 9.74 16.32
N SER G 34 -10.31 10.78 15.55
CA SER G 34 -9.30 11.59 14.89
C SER G 34 -9.84 12.97 14.48
N ALA G 35 -8.97 13.80 13.92
CA ALA G 35 -9.35 15.13 13.42
C ALA G 35 -10.45 15.03 12.37
N ILE G 36 -11.50 15.82 12.54
CA ILE G 36 -12.65 15.77 11.66
C ILE G 36 -12.39 16.53 10.37
N ASP G 37 -11.96 15.81 9.34
CA ASP G 37 -11.86 16.34 7.98
C ASP G 37 -12.97 15.75 7.12
N ASP G 38 -12.96 16.06 5.83
CA ASP G 38 -14.01 15.63 4.91
C ASP G 38 -14.12 14.11 4.71
N ASN G 39 -12.98 13.43 4.76
CA ASN G 39 -12.96 11.96 4.69
C ASN G 39 -13.62 11.33 5.90
N VAL G 40 -13.21 11.79 7.08
CA VAL G 40 -13.76 11.33 8.35
C VAL G 40 -15.26 11.60 8.42
N ALA G 41 -15.67 12.81 8.04
CA ALA G 41 -17.08 13.16 8.01
C ALA G 41 -17.89 12.19 7.15
N ASN G 42 -17.40 11.96 5.93
CA ASN G 42 -18.04 11.04 5.00
C ASN G 42 -18.20 9.63 5.54
N SER G 43 -17.15 9.15 6.19
CA SER G 43 -17.15 7.85 6.84
C SER G 43 -18.26 7.78 7.90
N ILE G 44 -18.30 8.80 8.77
CA ILE G 44 -19.25 8.84 9.90
C ILE G 44 -20.70 8.98 9.44
N VAL G 45 -20.93 9.84 8.44
CA VAL G 45 -22.25 10.03 7.86
C VAL G 45 -22.78 8.71 7.28
N SER G 46 -21.91 8.03 6.55
CA SER G 46 -22.25 6.76 5.93
C SER G 46 -22.57 5.68 6.97
N GLN G 47 -21.76 5.61 8.01
CA GLN G 47 -22.01 4.69 9.12
C GLN G 47 -23.37 4.96 9.79
N LEU G 48 -23.74 6.24 9.91
CA LEU G 48 -25.01 6.62 10.51
C LEU G 48 -26.17 6.25 9.58
N LEU G 49 -26.04 6.64 8.31
CA LEU G 49 -27.01 6.30 7.28
C LEU G 49 -27.28 4.80 7.26
N PHE G 50 -26.20 4.02 7.34
CA PHE G 50 -26.28 2.56 7.34
C PHE G 50 -27.03 2.01 8.56
N LEU G 51 -26.66 2.47 9.75
CA LEU G 51 -27.26 1.95 10.96
C LEU G 51 -28.74 2.29 11.07
N ASP G 52 -29.09 3.51 10.67
CA ASP G 52 -30.49 3.95 10.67
C ASP G 52 -31.35 3.10 9.74
N ALA G 53 -30.83 2.77 8.56
CA ALA G 53 -31.52 1.91 7.61
C ALA G 53 -31.61 0.46 8.07
N GLN G 54 -30.62 0.02 8.88
CA GLN G 54 -30.61 -1.33 9.45
C GLN G 54 -31.75 -1.53 10.43
N ASP G 55 -31.79 -0.67 11.45
CA ASP G 55 -32.85 -0.66 12.43
C ASP G 55 -32.99 0.74 13.02
N PRO G 56 -34.06 1.45 12.63
CA PRO G 56 -34.28 2.84 13.06
C PRO G 56 -34.76 2.98 14.51
N GLU G 57 -35.11 1.86 15.15
CA GLU G 57 -35.69 1.86 16.50
C GLU G 57 -34.65 1.65 17.61
N LYS G 58 -33.48 1.14 17.25
CA LYS G 58 -32.40 0.88 18.21
C LYS G 58 -31.41 2.04 18.25
N ASP G 59 -30.83 2.28 19.43
CA ASP G 59 -29.89 3.38 19.61
C ASP G 59 -28.54 3.19 18.94
N ILE G 60 -27.90 4.30 18.58
CA ILE G 60 -26.55 4.28 17.99
C ILE G 60 -25.59 4.89 19.02
N PHE G 61 -24.42 4.29 19.16
CA PHE G 61 -23.45 4.78 20.15
C PHE G 61 -22.28 5.41 19.43
N LEU G 62 -22.08 6.70 19.67
CA LEU G 62 -21.01 7.44 19.02
C LEU G 62 -19.93 7.83 20.01
N TYR G 63 -18.83 7.08 20.04
CA TYR G 63 -17.68 7.40 20.89
C TYR G 63 -16.87 8.51 20.22
N ILE G 64 -16.52 9.52 21.01
CA ILE G 64 -15.84 10.70 20.47
C ILE G 64 -14.50 10.96 21.16
N ASN G 65 -13.42 10.82 20.40
CA ASN G 65 -12.06 11.19 20.85
C ASN G 65 -11.36 11.96 19.73
N SER G 66 -11.59 13.27 19.70
CA SER G 66 -11.18 14.11 18.57
C SER G 66 -10.67 15.49 18.96
N PRO G 67 -9.58 15.96 18.33
CA PRO G 67 -9.14 17.34 18.56
C PRO G 67 -10.00 18.37 17.81
N GLY G 68 -10.92 17.88 16.97
CA GLY G 68 -11.82 18.74 16.21
C GLY G 68 -11.39 18.81 14.77
N GLY G 69 -11.81 19.86 14.06
CA GLY G 69 -11.42 20.04 12.66
C GLY G 69 -12.29 20.99 11.87
N SER G 70 -12.43 20.69 10.58
CA SER G 70 -13.21 21.48 9.62
C SER G 70 -14.68 21.64 10.03
N ILE G 71 -15.18 22.87 10.04
CA ILE G 71 -16.51 23.17 10.58
C ILE G 71 -17.67 22.62 9.74
N SER G 72 -17.58 22.70 8.42
CA SER G 72 -18.63 22.16 7.54
C SER G 72 -18.67 20.64 7.58
N ALA G 73 -17.52 20.03 7.85
CA ALA G 73 -17.41 18.57 8.02
C ALA G 73 -18.14 18.13 9.28
N GLY G 74 -17.88 18.83 10.40
CA GLY G 74 -18.57 18.55 11.64
C GLY G 74 -20.05 18.82 11.52
N MET G 75 -20.39 19.88 10.78
CA MET G 75 -21.77 20.29 10.59
C MET G 75 -22.56 19.30 9.72
N ALA G 76 -21.85 18.51 8.92
CA ALA G 76 -22.44 17.45 8.12
C ALA G 76 -22.82 16.28 9.01
N ILE G 77 -21.92 15.93 9.94
CA ILE G 77 -22.15 14.87 10.92
C ILE G 77 -23.28 15.30 11.85
N TYR G 78 -23.22 16.55 12.28
CA TYR G 78 -24.26 17.11 13.14
C TYR G 78 -25.64 16.99 12.48
N ASP G 79 -25.72 17.36 11.20
CA ASP G 79 -26.98 17.33 10.47
C ASP G 79 -27.52 15.90 10.34
N THR G 80 -26.63 14.96 10.08
CA THR G 80 -26.99 13.55 9.90
C THR G 80 -27.45 12.93 11.22
N MET G 81 -26.77 13.28 12.31
CA MET G 81 -27.17 12.87 13.66
C MET G 81 -28.63 13.23 13.91
N ASN G 82 -28.99 14.46 13.55
CA ASN G 82 -30.36 14.91 13.64
C ASN G 82 -31.27 14.32 12.57
N PHE G 83 -30.70 14.03 11.39
CA PHE G 83 -31.48 13.51 10.27
C PHE G 83 -32.05 12.12 10.51
N VAL G 84 -31.24 11.25 11.11
CA VAL G 84 -31.63 9.85 11.33
C VAL G 84 -32.73 9.73 12.38
N LYS G 85 -33.51 8.66 12.27
CA LYS G 85 -34.60 8.40 13.20
C LYS G 85 -34.08 7.99 14.57
N ALA G 86 -33.04 7.17 14.60
CA ALA G 86 -32.49 6.59 15.84
C ALA G 86 -31.77 7.61 16.74
N ASP G 87 -31.90 7.43 18.04
CA ASP G 87 -31.19 8.25 19.01
C ASP G 87 -29.70 8.00 18.90
N VAL G 88 -28.93 9.07 18.75
CA VAL G 88 -27.48 8.96 18.70
C VAL G 88 -26.92 9.36 20.05
N GLN G 89 -26.42 8.36 20.78
CA GLN G 89 -25.79 8.55 22.08
C GLN G 89 -24.32 8.88 21.86
N THR G 90 -23.82 9.83 22.63
CA THR G 90 -22.44 10.23 22.48
C THR G 90 -21.67 9.98 23.75
N ILE G 91 -20.53 9.33 23.63
CA ILE G 91 -19.65 9.12 24.77
C ILE G 91 -18.33 9.82 24.50
N GLY G 92 -17.99 10.77 25.36
CA GLY G 92 -16.72 11.48 25.23
C GLY G 92 -15.67 10.77 26.02
N MET G 93 -14.57 10.44 25.35
CA MET G 93 -13.45 9.79 26.01
C MET G 93 -12.13 10.42 25.60
N GLY G 94 -11.19 10.46 26.55
CA GLY G 94 -9.88 11.01 26.29
C GLY G 94 -9.90 12.50 26.06
N MET G 95 -10.24 12.91 24.83
CA MET G 95 -10.31 14.32 24.48
C MET G 95 -11.46 14.59 23.50
N ALA G 96 -12.26 15.60 23.81
CA ALA G 96 -13.25 16.10 22.87
C ALA G 96 -13.13 17.62 22.85
N ALA G 97 -12.57 18.13 21.77
CA ALA G 97 -12.29 19.56 21.66
C ALA G 97 -12.90 20.14 20.40
N SER G 98 -13.31 21.41 20.48
CA SER G 98 -13.91 22.12 19.37
C SER G 98 -15.06 21.33 18.77
N MET G 99 -14.93 20.98 17.50
CA MET G 99 -15.97 20.25 16.79
C MET G 99 -16.32 18.95 17.53
N GLY G 100 -15.32 18.30 18.10
CA GLY G 100 -15.52 17.10 18.89
C GLY G 100 -16.50 17.33 20.02
N SER G 101 -16.31 18.42 20.77
CA SER G 101 -17.18 18.75 21.90
C SER G 101 -18.57 19.21 21.45
N PHE G 102 -18.63 19.92 20.32
CA PHE G 102 -19.89 20.37 19.76
C PHE G 102 -20.76 19.16 19.37
N LEU G 103 -20.13 18.14 18.80
CA LEU G 103 -20.81 16.92 18.39
C LEU G 103 -21.20 16.07 19.61
N LEU G 104 -20.41 16.17 20.68
CA LEU G 104 -20.70 15.47 21.92
C LEU G 104 -21.97 16.01 22.56
N THR G 105 -22.14 17.33 22.48
CA THR G 105 -23.28 18.01 23.06
C THR G 105 -24.52 17.82 22.20
N ALA G 106 -24.29 17.50 20.93
CA ALA G 106 -25.37 17.37 19.98
C ALA G 106 -26.04 15.99 20.03
N GLY G 107 -25.61 15.17 20.98
CA GLY G 107 -26.16 13.82 21.15
C GLY G 107 -27.57 13.83 21.71
N ALA G 108 -28.26 12.71 21.58
CA ALA G 108 -29.68 12.60 21.98
C ALA G 108 -29.90 13.05 23.41
N ASN G 109 -30.96 13.83 23.61
CA ASN G 109 -31.30 14.35 24.94
C ASN G 109 -31.35 13.26 26.00
N GLY G 110 -30.63 13.48 27.09
CA GLY G 110 -30.56 12.53 28.18
C GLY G 110 -29.53 11.43 27.95
N LYS G 111 -28.90 11.44 26.78
CA LYS G 111 -27.95 10.38 26.42
C LYS G 111 -26.58 10.87 25.92
N ARG G 112 -26.05 11.90 26.57
CA ARG G 112 -24.70 12.36 26.27
C ARG G 112 -23.81 12.09 27.47
N PHE G 113 -22.76 11.32 27.27
CA PHE G 113 -21.93 10.92 28.39
C PHE G 113 -20.46 11.24 28.17
N ALA G 114 -19.68 10.95 29.21
CA ALA G 114 -18.23 11.05 29.13
C ALA G 114 -17.62 10.18 30.20
N LEU G 115 -16.47 9.59 29.87
CA LEU G 115 -15.70 8.84 30.84
C LEU G 115 -15.06 9.80 31.84
N PRO G 116 -14.85 9.35 33.10
CA PRO G 116 -14.42 10.19 34.22
C PRO G 116 -13.17 11.06 34.01
N ASN G 117 -12.23 10.62 33.20
CA ASN G 117 -10.98 11.37 33.02
C ASN G 117 -10.86 12.10 31.69
N ALA G 118 -11.97 12.14 30.96
CA ALA G 118 -12.04 12.82 29.66
C ALA G 118 -11.82 14.31 29.81
N GLU G 119 -11.12 14.89 28.85
CA GLU G 119 -10.96 16.33 28.76
C GLU G 119 -11.91 16.90 27.71
N ILE G 120 -12.64 17.95 28.09
CA ILE G 120 -13.54 18.63 27.16
C ILE G 120 -13.14 20.10 26.98
N MET G 121 -13.05 20.53 25.72
CA MET G 121 -12.76 21.92 25.35
C MET G 121 -13.85 22.53 24.49
N ILE G 122 -14.53 23.55 25.02
CA ILE G 122 -15.63 24.23 24.29
C ILE G 122 -15.11 25.13 23.16
N HIS G 123 -13.93 25.71 23.34
CA HIS G 123 -13.35 26.66 22.38
C HIS G 123 -13.49 26.25 20.92
N GLN G 124 -14.20 27.06 20.15
CA GLN G 124 -14.35 26.86 18.70
C GLN G 124 -13.65 27.95 17.87
N PRO G 125 -12.42 27.66 17.38
CA PRO G 125 -11.61 28.63 16.64
C PRO G 125 -11.95 28.75 15.14
N LEU G 126 -11.13 29.54 14.43
CA LEU G 126 -11.28 29.85 12.99
C LEU G 126 -11.82 28.71 12.11
N GLY G 127 -10.99 27.68 11.90
CA GLY G 127 -11.40 26.44 11.25
C GLY G 127 -11.66 26.48 9.76
N GLY G 128 -11.25 27.56 9.11
CA GLY G 128 -11.43 27.74 7.66
C GLY G 128 -12.89 27.70 7.19
N ALA G 129 -13.75 28.37 7.94
CA ALA G 129 -15.20 28.35 7.69
C ALA G 129 -15.58 29.10 6.41
N GLN G 130 -14.80 30.13 6.08
CA GLN G 130 -15.02 30.95 4.89
C GLN G 130 -14.56 30.28 3.58
N GLY G 131 -14.57 28.95 3.57
CA GLY G 131 -14.27 28.14 2.39
C GLY G 131 -13.21 28.69 1.45
N GLN G 132 -13.65 29.06 0.24
CA GLN G 132 -12.75 29.58 -0.80
C GLN G 132 -13.02 31.06 -1.13
N ALA G 133 -13.65 31.77 -0.20
CA ALA G 133 -13.95 33.19 -0.37
C ALA G 133 -12.70 34.07 -0.20
N THR G 134 -12.46 34.96 -1.15
CA THR G 134 -11.33 35.91 -1.10
C THR G 134 -11.76 37.36 -0.85
N GLU G 135 -13.05 37.63 -1.03
CA GLU G 135 -13.63 38.93 -0.71
C GLU G 135 -13.73 39.11 0.80
N ILE G 136 -13.14 40.20 1.31
CA ILE G 136 -13.05 40.48 2.76
C ILE G 136 -14.41 40.54 3.46
N GLU G 137 -15.32 41.36 2.95
CA GLU G 137 -16.60 41.61 3.60
C GLU G 137 -17.49 40.36 3.69
N ILE G 138 -17.41 39.49 2.69
CA ILE G 138 -18.18 38.24 2.66
C ILE G 138 -17.63 37.20 3.65
N ALA G 139 -16.32 36.98 3.64
CA ALA G 139 -15.64 35.98 4.49
C ALA G 139 -15.77 36.29 5.98
N ALA G 140 -15.60 37.57 6.34
CA ALA G 140 -15.67 38.01 7.72
C ALA G 140 -17.09 37.96 8.29
N ARG G 141 -18.07 38.39 7.49
CA ARG G 141 -19.45 38.38 7.95
C ARG G 141 -20.03 36.97 7.98
N HIS G 142 -19.54 36.12 7.09
CA HIS G 142 -19.94 34.72 7.09
C HIS G 142 -19.49 34.03 8.33
N ILE G 143 -18.22 34.22 8.70
CA ILE G 143 -17.68 33.53 9.88
C ILE G 143 -18.30 34.02 11.18
N LEU G 144 -18.79 35.25 11.19
CA LEU G 144 -19.53 35.77 12.35
C LEU G 144 -20.94 35.16 12.41
N LYS G 145 -21.48 34.84 11.24
CA LYS G 145 -22.83 34.28 11.13
C LYS G 145 -22.83 32.81 11.56
N ILE G 146 -21.83 32.07 11.10
CA ILE G 146 -21.68 30.67 11.47
C ILE G 146 -21.36 30.55 12.97
N LYS G 147 -20.47 31.42 13.45
CA LYS G 147 -20.13 31.54 14.86
C LYS G 147 -21.37 31.83 15.72
N GLU G 148 -22.28 32.65 15.20
CA GLU G 148 -23.52 32.96 15.90
C GLU G 148 -24.47 31.76 15.96
N ARG G 149 -24.63 31.03 14.86
CA ARG G 149 -25.59 29.92 14.86
C ARG G 149 -25.11 28.67 15.59
N MET G 150 -23.80 28.55 15.79
CA MET G 150 -23.25 27.50 16.64
C MET G 150 -23.52 27.79 18.11
N ASN G 151 -23.22 29.02 18.55
CA ASN G 151 -23.51 29.47 19.91
C ASN G 151 -24.98 29.25 20.26
N THR G 152 -25.86 29.55 19.31
CA THR G 152 -27.31 29.40 19.50
C THR G 152 -27.68 27.93 19.75
N ILE G 153 -27.16 27.05 18.89
CA ILE G 153 -27.37 25.61 19.03
C ILE G 153 -26.87 25.14 20.39
N MET G 154 -25.69 25.63 20.78
CA MET G 154 -25.08 25.22 22.06
C MET G 154 -25.83 25.74 23.28
N ALA G 155 -26.39 26.94 23.17
CA ALA G 155 -27.23 27.49 24.23
C ALA G 155 -28.45 26.61 24.48
N GLU G 156 -29.04 26.13 23.39
CA GLU G 156 -30.28 25.33 23.45
C GLU G 156 -30.02 23.95 24.04
N LYS G 157 -28.90 23.33 23.66
CA LYS G 157 -28.53 21.99 24.12
C LYS G 157 -28.14 21.98 25.61
N THR G 158 -27.41 23.02 26.03
CA THR G 158 -26.86 23.10 27.38
C THR G 158 -27.81 23.79 28.37
N GLY G 159 -28.66 24.68 27.86
CA GLY G 159 -29.51 25.49 28.72
C GLY G 159 -28.78 26.65 29.37
N GLN G 160 -27.54 26.91 28.95
CA GLN G 160 -26.80 28.08 29.42
C GLN G 160 -27.24 29.31 28.63
N PRO G 161 -27.16 30.51 29.23
CA PRO G 161 -27.51 31.72 28.48
C PRO G 161 -26.54 31.94 27.31
N TYR G 162 -27.08 32.43 26.20
CA TYR G 162 -26.30 32.72 25.00
C TYR G 162 -24.98 33.42 25.36
N GLU G 163 -25.08 34.51 26.11
CA GLU G 163 -23.91 35.31 26.46
C GLU G 163 -22.85 34.52 27.24
N VAL G 164 -23.28 33.46 27.91
CA VAL G 164 -22.37 32.54 28.62
C VAL G 164 -21.62 31.64 27.63
N ILE G 165 -22.36 31.04 26.69
CA ILE G 165 -21.79 30.18 25.65
C ILE G 165 -20.82 30.97 24.80
N ALA G 166 -21.28 32.11 24.29
CA ALA G 166 -20.46 33.00 23.46
C ALA G 166 -19.13 33.35 24.11
N ARG G 167 -19.13 33.52 25.44
CA ARG G 167 -17.92 33.82 26.18
C ARG G 167 -16.97 32.61 26.22
N ASP G 168 -17.54 31.41 26.33
CA ASP G 168 -16.75 30.19 26.47
C ASP G 168 -16.25 29.56 25.16
N THR G 169 -17.03 29.69 24.08
CA THR G 169 -16.61 29.20 22.76
C THR G 169 -15.54 30.10 22.11
N ASP G 170 -15.21 31.21 22.77
CA ASP G 170 -14.24 32.16 22.24
C ASP G 170 -12.93 32.18 23.04
N ARG G 171 -12.79 31.26 24.00
CA ARG G 171 -11.57 31.18 24.81
C ARG G 171 -11.13 29.76 25.10
N ASP G 172 -9.81 29.56 25.16
CA ASP G 172 -9.23 28.30 25.60
C ASP G 172 -9.67 28.05 27.02
N ASN G 173 -10.04 26.80 27.29
CA ASN G 173 -10.66 26.43 28.54
C ASN G 173 -10.89 24.93 28.54
N PHE G 174 -10.38 24.28 29.57
CA PHE G 174 -10.55 22.83 29.75
C PHE G 174 -11.58 22.55 30.82
N MET G 175 -12.38 21.51 30.58
CA MET G 175 -13.36 21.07 31.56
C MET G 175 -13.14 19.61 31.87
N THR G 176 -13.26 19.25 33.14
CA THR G 176 -13.34 17.86 33.55
C THR G 176 -14.73 17.32 33.23
N ALA G 177 -14.89 16.01 33.23
CA ALA G 177 -16.20 15.40 32.97
C ALA G 177 -17.29 15.91 33.91
N GLN G 178 -16.93 16.15 35.18
CA GLN G 178 -17.87 16.67 36.18
C GLN G 178 -18.32 18.09 35.84
N GLU G 179 -17.36 18.96 35.51
CA GLU G 179 -17.70 20.32 35.13
C GLU G 179 -18.60 20.35 33.88
N ALA G 180 -18.32 19.48 32.92
CA ALA G 180 -19.15 19.37 31.73
C ALA G 180 -20.60 18.98 32.08
N LYS G 181 -20.76 18.10 33.06
CA LYS G 181 -22.10 17.71 33.52
C LYS G 181 -22.85 18.91 34.11
N ASP G 182 -22.16 19.65 34.97
CA ASP G 182 -22.71 20.85 35.60
C ASP G 182 -23.04 21.92 34.57
N TYR G 183 -22.22 22.00 33.54
CA TYR G 183 -22.38 23.01 32.50
C TYR G 183 -23.59 22.72 31.63
N GLY G 184 -23.87 21.44 31.41
CA GLY G 184 -24.98 21.02 30.56
C GLY G 184 -24.54 20.40 29.24
N LEU G 185 -23.23 20.30 29.05
CA LEU G 185 -22.65 19.69 27.85
C LEU G 185 -23.01 18.22 27.73
N ILE G 186 -22.94 17.52 28.87
CA ILE G 186 -23.18 16.09 28.96
C ILE G 186 -24.17 15.84 30.09
N ASP G 187 -24.95 14.77 29.96
CA ASP G 187 -25.98 14.44 30.90
C ASP G 187 -25.43 13.72 32.13
N ASP G 188 -24.55 12.73 31.93
CA ASP G 188 -23.93 12.03 33.04
C ASP G 188 -22.51 11.58 32.75
N ILE G 189 -21.77 11.27 33.80
CA ILE G 189 -20.51 10.57 33.71
C ILE G 189 -20.84 9.08 33.84
N ILE G 190 -20.31 8.26 32.92
CA ILE G 190 -20.41 6.81 33.07
C ILE G 190 -19.09 6.25 33.56
N ILE G 191 -19.14 5.50 34.65
CA ILE G 191 -17.94 4.95 35.25
C ILE G 191 -17.80 3.44 34.99
N ASN G 192 -18.91 2.71 35.10
CA ASN G 192 -18.91 1.25 35.01
C ASN G 192 -19.91 0.64 34.01
N LYS G 193 -20.21 -0.65 34.23
CA LYS G 193 -21.14 -1.45 33.42
C LYS G 193 -20.66 -1.73 32.00
#